data_6YSY
#
_entry.id   6YSY
#
_cell.length_a   49.607
_cell.length_b   119.424
_cell.length_c   176.631
_cell.angle_alpha   90
_cell.angle_beta   90
_cell.angle_gamma   90
#
_symmetry.space_group_name_H-M   'P 21 21 21'
#
loop_
_entity.id
_entity.type
_entity.pdbx_description
1 polymer Myosin-4
2 polymer 'Myosin light chain 1/3, skeletal muscle isoform'
3 non-polymer "ADENOSINE-5'-DIPHOSPHATE"
4 non-polymer 'VANADATE ION'
5 non-polymer 'MAGNESIUM ION'
6 non-polymer (9~{S})-5-methyl-12-(4-morpholin-4-ylphenyl)-9-oxidanyl-4-thia-2,12-diazatricyclo[7.3.0.0^{3,7}]dodeca-1,3(7),5-trien-8-one
7 water water
#
loop_
_entity_poly.entity_id
_entity_poly.type
_entity_poly.pdbx_seq_one_letter_code
_entity_poly.pdbx_strand_id
1 'polypeptide(L)'
;MRKDADMAIFGEAAPYLRKSEKERIEAQNKPFDAKSSVFVADPKESFVKATVQSREGGKVTAKTEAGATVTVKEDQVFPM
NPPKYDKIEDMAMMTHLHEPAVLYNLKERYAAWMIYTYSGLFCVTVNPY(M3L)WLPVYNAEVVTAYRGKKRQEAPPHIF
SISDNAYQFMLTDRENQSILITGESGAGKTVNTKRVIQYFATIAVTGDKKKEEATSGKMQGTLEDQIISANPLLEAFANA
KTVRNDNSSRFGKFIRIHFGTTGKLASADIETYLLEKSRVTFQLKAERSYHIFYQIMSNKKPDLIEMLLITTNPYDYAFV
SQGEITVPSIDDQEELMATDSAIDILGFTSDERVSIYKLTGAVMHYGNMKFKQKQREEQAEPDGTEVADKAAYLQSLNS
(UNK)DLLKALCYPRVKVGNEYVTKGQTVQQVYNSVGALAKAVYEKMFLWMVTRINQQLDTKQPRQYFIGVLDIAGFEIF
DFNSLEQLCINFTNEKLQQFFNHHMFVLEQEEYKKEGIEWTFIDFGMDLAACIELIEKPMGIFSILEEECMFPKATDTSF
KNKLYEQHLGKSNNFQKPKPAKRKVEAHFSLVHYAGTVDYNITGWLDKNKDPLNETVVGLYQKSAMKTLAFLFTGTAAAE
AEGGGKKGGKKKGSSFQTVSALFRENLNKLMTNLRSTHPHFVRCIIPNETKTPGAMEHELVLHQLRCNGVLEGIRICRKG
FPSRILYADFKQRYKVLNASAIPEGQFIDSKKASEKLLGSIDVDHTQYKFGHTKVFFKAGLLGLLEEMRDDKLAQLITRT
QAMCRGFLARVEYKKMVERRESIFCIQYNIRAFMNVKHWPWMKLYFKIKPLLKSAETEKEMANMKEEFEKTKESLAKAEA
KEKELEEKMVALMQEKNDLQLQVQAEADSLADAEERCDQLIKTKIQLEAKIKEVTERAEDEEEINAELTAKKRKLEDECS
ELKKDIDDLELTLAKVEKEKHATENKVKNLTEEMAGLDETIAKLTKEKKALQEAHQQTLDDLQAEEDKVNTLTKAKTKLE
QQVDDLEGSLEQEKKIRMDLERAKRKLEGDLKLAQESTMDIENDKQQLDEKLKKKEFEMSNLQSKIEDEQALAMQLQKKI
KELQARIEELEEEIEAERASRAKAEKQRSDLSRELEEISERLEEAGGATSAQIEMNKKREAEFQKMRRDLEEATLQHEAT
AATLRKKHADSVAELGEQIDNLQRVKQKLEKEKSELKMEIDDLASNMETVSKAKGNLEKMCRTLEDQVSELKTKEEEHQR
LINDLSAQRARLQTESGEFSRQLDEKDSLVSQLSRGKQAFTQQIEELKRQLEEEIKAKSALAHALQSARHDCDLLREQYE
EEQEAKAELQRAMSKANSEVAQWRTKYETDAIQRTEELEEAKKKLAQRLQDAEEHVEAVNAKCASLEKTKQRLQNEVEDL
MIDVERTNAACAALDKKQRNFDKILAEWKHKYEETHAELEASQKESRSLSTEVFKVKNAYEESLDQLETLKRENKNLQQE
ISDLTEQIAEGGKRIHELEKVKKQVEQEKSELQAALEEAEASLEHEEGKILRIQLELNQVKSEIDRKIAEKDEEIDQLKR
NHIRVVESMQSTLDAEIRSRNDAIRIKKKMEGDLNEMEIQLNHANRMAAEALRNYRNTQGILKDTQLHLDDALRGQEDLK
EQLAMVERRANLLQAEIEELRATLEQTERSRKVAEQELLDASERVQLLHTQNTSLINTKKKLETDISQIQGEMEDIVQEA
RNAEEKAKKAITDAAMMAEELKKEQDTSAHLERMKKNMEQTVKDLQHRLDEAEQLALKGGKKQIQKLEARVRELEAEVES
EQKRNVEAVKGLRKHERRVKELTYQTEEDRKNVLRLQDLVDKLQAKVKSYKRQAEEAEEQCNINLSKFRKLQHELEEAEE
RADIAESQVNKLRVKSREVHTKVISEE
;
A
2 'polypeptide(L)'
;MAPKKDVKKPAAAAAPAPAPAPAPAPAPAKPKEEKIDLSAIKIEFSKEQQDEFKEAFLLYDRTGDSKITLSQVGDVLRAL
GTNPTNAEVKKVLGNPSNEEMNAKKIEFEQFLPMLQAISNNKDQGTYEDFVEGLRVFDKEGNGTVMGAELRHVLATLGEK
MKEEEVEALMAGQEDSNGCINYEAFVKHIMSI
;
B
#
# COMPACT_ATOMS: atom_id res chain seq x y z
N LYS A 3 7.99 1.06 -23.66
CA LYS A 3 6.61 1.28 -24.11
C LYS A 3 6.02 2.58 -23.57
N ASP A 4 6.44 3.74 -24.11
CA ASP A 4 5.87 5.03 -23.66
C ASP A 4 4.38 5.17 -23.98
N ALA A 5 3.87 4.37 -24.94
CA ALA A 5 2.47 4.36 -25.30
C ALA A 5 1.68 3.63 -24.20
N ASP A 6 2.25 2.55 -23.62
CA ASP A 6 1.59 1.78 -22.56
C ASP A 6 1.49 2.57 -21.26
N MET A 7 2.46 3.45 -20.99
CA MET A 7 2.45 4.30 -19.80
C MET A 7 1.57 5.55 -19.96
N ALA A 8 0.99 5.80 -21.16
CA ALA A 8 0.15 6.99 -21.37
C ALA A 8 -1.17 6.97 -20.55
N ILE A 9 -1.61 5.77 -20.14
CA ILE A 9 -2.79 5.56 -19.30
C ILE A 9 -2.62 6.20 -17.90
N PHE A 10 -1.39 6.33 -17.42
CA PHE A 10 -1.12 6.96 -16.12
C PHE A 10 -1.22 8.50 -16.16
N GLY A 11 -1.16 9.09 -17.36
CA GLY A 11 -1.25 10.54 -17.53
C GLY A 11 -0.01 11.26 -17.05
N GLU A 12 -0.19 12.38 -16.30
CA GLU A 12 0.90 13.20 -15.75
C GLU A 12 1.79 12.45 -14.73
N ALA A 13 1.27 11.33 -14.19
CA ALA A 13 2.00 10.53 -13.20
C ALA A 13 3.03 9.61 -13.83
N ALA A 14 2.93 9.31 -15.13
CA ALA A 14 3.85 8.41 -15.84
C ALA A 14 5.35 8.64 -15.53
N PRO A 15 5.91 9.88 -15.67
CA PRO A 15 7.34 10.07 -15.36
C PRO A 15 7.74 9.84 -13.90
N TYR A 16 6.77 9.87 -13.00
CA TYR A 16 7.01 9.63 -11.58
C TYR A 16 6.84 8.16 -11.18
N LEU A 17 6.34 7.29 -12.09
CA LEU A 17 6.13 5.88 -11.80
C LEU A 17 7.14 4.98 -12.52
N ARG A 18 7.50 5.34 -13.76
CA ARG A 18 8.46 4.56 -14.53
C ARG A 18 9.29 5.45 -15.45
N LYS A 19 10.59 5.14 -15.58
CA LYS A 19 11.49 5.90 -16.42
C LYS A 19 11.12 5.77 -17.90
N SER A 20 11.49 6.78 -18.70
CA SER A 20 11.17 6.80 -20.13
C SER A 20 11.77 5.63 -20.88
N GLU A 21 11.17 5.30 -22.03
CA GLU A 21 11.64 4.24 -22.91
C GLU A 21 13.04 4.61 -23.44
N LYS A 22 13.31 5.93 -23.67
CA LYS A 22 14.61 6.46 -24.12
C LYS A 22 15.69 6.18 -23.08
N GLU A 23 15.39 6.38 -21.77
CA GLU A 23 16.33 6.11 -20.69
C GLU A 23 16.62 4.60 -20.58
N ARG A 24 15.59 3.77 -20.74
CA ARG A 24 15.72 2.33 -20.70
C ARG A 24 16.65 1.85 -21.83
N ILE A 25 16.47 2.40 -23.04
CA ILE A 25 17.30 2.05 -24.20
C ILE A 25 18.74 2.54 -23.99
N GLU A 26 18.92 3.74 -23.40
CA GLU A 26 20.27 4.26 -23.12
C GLU A 26 20.98 3.35 -22.11
N ALA A 27 20.26 2.86 -21.06
CA ALA A 27 20.81 1.96 -20.03
C ALA A 27 21.26 0.62 -20.64
N GLN A 28 20.46 0.09 -21.58
CA GLN A 28 20.77 -1.15 -22.27
C GLN A 28 22.01 -1.07 -23.15
N ASN A 29 22.32 0.13 -23.67
CA ASN A 29 23.48 0.35 -24.54
C ASN A 29 24.66 1.04 -23.86
N LYS A 30 24.59 1.23 -22.54
CA LYS A 30 25.69 1.87 -21.82
C LYS A 30 26.76 0.84 -21.53
N PRO A 31 28.03 1.08 -21.93
CA PRO A 31 29.10 0.13 -21.61
C PRO A 31 29.39 0.03 -20.09
N PHE A 32 29.95 -1.12 -19.66
CA PHE A 32 30.21 -1.43 -18.24
C PHE A 32 31.30 -2.49 -18.06
N ASP A 33 32.39 -2.18 -17.36
CA ASP A 33 33.42 -3.18 -17.09
C ASP A 33 33.16 -3.73 -15.70
N ALA A 34 32.63 -4.95 -15.62
CA ALA A 34 32.25 -5.58 -14.37
C ALA A 34 33.35 -5.68 -13.33
N LYS A 35 34.57 -6.01 -13.73
CA LYS A 35 35.67 -6.14 -12.78
C LYS A 35 36.18 -4.80 -12.22
N SER A 36 35.92 -3.67 -12.89
CA SER A 36 36.42 -2.37 -12.39
C SER A 36 35.34 -1.46 -11.77
N SER A 37 34.04 -1.70 -12.06
CA SER A 37 32.96 -0.87 -11.48
C SER A 37 32.60 -1.50 -10.16
N VAL A 38 32.84 -0.76 -9.06
CA VAL A 38 32.63 -1.29 -7.71
C VAL A 38 32.04 -0.23 -6.77
N PHE A 39 31.53 -0.69 -5.62
CA PHE A 39 31.14 0.16 -4.51
C PHE A 39 32.26 -0.05 -3.52
N VAL A 40 32.65 1.00 -2.82
CA VAL A 40 33.72 0.96 -1.82
C VAL A 40 33.20 1.56 -0.51
N ALA A 41 33.49 0.94 0.63
CA ALA A 41 33.06 1.49 1.92
C ALA A 41 33.72 2.87 2.15
N ASP A 42 32.98 3.84 2.69
CA ASP A 42 33.44 5.22 2.87
C ASP A 42 33.14 5.74 4.28
N PRO A 43 34.10 6.48 4.88
CA PRO A 43 33.86 7.02 6.23
C PRO A 43 32.72 8.03 6.29
N LYS A 44 32.63 8.89 5.27
CA LYS A 44 31.67 9.98 5.21
C LYS A 44 30.32 9.58 4.62
N GLU A 45 30.33 8.91 3.47
CA GLU A 45 29.10 8.53 2.78
C GLU A 45 28.64 7.08 2.97
N SER A 46 29.36 6.26 3.74
CA SER A 46 29.02 4.86 3.97
C SER A 46 29.49 3.96 2.83
N PHE A 47 29.08 4.27 1.59
CA PHE A 47 29.48 3.55 0.37
C PHE A 47 29.50 4.53 -0.80
N VAL A 48 30.47 4.38 -1.69
CA VAL A 48 30.56 5.23 -2.87
C VAL A 48 30.85 4.39 -4.12
N LYS A 49 30.39 4.86 -5.26
CA LYS A 49 30.69 4.20 -6.52
C LYS A 49 32.11 4.61 -6.88
N ALA A 50 32.90 3.68 -7.45
CA ALA A 50 34.28 3.95 -7.83
C ALA A 50 34.78 3.01 -8.94
N THR A 51 35.84 3.44 -9.65
CA THR A 51 36.47 2.67 -10.72
C THR A 51 37.82 2.20 -10.22
N VAL A 52 38.05 0.89 -10.16
CA VAL A 52 39.32 0.32 -9.72
C VAL A 52 40.47 0.75 -10.63
N GLN A 53 41.53 1.32 -10.03
CA GLN A 53 42.75 1.78 -10.68
C GLN A 53 43.86 0.74 -10.55
N SER A 54 43.93 0.06 -9.39
CA SER A 54 44.97 -0.92 -9.12
C SER A 54 44.52 -1.93 -8.07
N ARG A 55 44.88 -3.18 -8.22
CA ARG A 55 44.61 -4.22 -7.23
C ARG A 55 45.97 -4.85 -6.95
N GLU A 56 46.43 -4.82 -5.70
CA GLU A 56 47.74 -5.39 -5.37
C GLU A 56 47.91 -5.62 -3.90
N GLY A 57 48.51 -6.74 -3.54
CA GLY A 57 48.76 -7.10 -2.16
C GLY A 57 47.54 -7.14 -1.27
N GLY A 58 46.40 -7.50 -1.82
CA GLY A 58 45.16 -7.60 -1.04
C GLY A 58 44.38 -6.30 -0.85
N LYS A 59 44.88 -5.22 -1.44
CA LYS A 59 44.18 -3.93 -1.36
C LYS A 59 43.75 -3.44 -2.75
N VAL A 60 42.77 -2.55 -2.79
CA VAL A 60 42.24 -2.03 -4.03
C VAL A 60 42.28 -0.53 -3.98
N THR A 61 42.88 0.09 -4.98
CA THR A 61 42.85 1.55 -5.10
C THR A 61 41.85 1.87 -6.20
N ALA A 62 40.87 2.75 -5.90
CA ALA A 62 39.82 3.13 -6.82
C ALA A 62 39.60 4.63 -6.86
N LYS A 63 39.08 5.12 -7.97
CA LYS A 63 38.79 6.54 -8.13
C LYS A 63 37.27 6.69 -8.09
N THR A 64 36.75 7.46 -7.13
CA THR A 64 35.33 7.68 -6.97
C THR A 64 34.73 8.57 -8.08
N GLU A 65 33.37 8.70 -8.12
CA GLU A 65 32.65 9.57 -9.07
C GLU A 65 33.17 11.00 -8.92
N ALA A 66 33.35 11.45 -7.65
CA ALA A 66 33.85 12.79 -7.28
C ALA A 66 35.36 13.02 -7.55
N GLY A 67 36.03 12.06 -8.21
CA GLY A 67 37.45 12.15 -8.57
C GLY A 67 38.48 11.79 -7.51
N ALA A 68 38.03 11.55 -6.26
CA ALA A 68 38.90 11.21 -5.12
C ALA A 68 39.48 9.81 -5.23
N THR A 69 40.74 9.65 -4.81
CA THR A 69 41.35 8.33 -4.83
C THR A 69 41.23 7.71 -3.43
N VAL A 70 40.75 6.47 -3.38
CA VAL A 70 40.47 5.74 -2.16
C VAL A 70 41.10 4.35 -2.20
N THR A 71 41.58 3.82 -1.08
CA THR A 71 42.20 2.49 -1.03
C THR A 71 41.59 1.73 0.12
N VAL A 72 41.13 0.50 -0.12
CA VAL A 72 40.52 -0.33 0.91
C VAL A 72 41.01 -1.78 0.76
N LYS A 73 40.73 -2.65 1.74
CA LYS A 73 41.05 -4.07 1.61
C LYS A 73 39.97 -4.68 0.68
N GLU A 74 40.29 -5.81 0.05
CA GLU A 74 39.38 -6.46 -0.88
C GLU A 74 37.98 -6.81 -0.26
N ASP A 75 37.91 -6.99 1.07
CA ASP A 75 36.64 -7.27 1.74
C ASP A 75 35.68 -6.05 1.83
N GLN A 76 36.18 -4.84 1.49
CA GLN A 76 35.33 -3.64 1.50
C GLN A 76 34.95 -3.12 0.12
N VAL A 77 35.15 -3.97 -0.89
CA VAL A 77 34.83 -3.72 -2.28
C VAL A 77 33.65 -4.61 -2.61
N PHE A 78 32.55 -4.02 -3.13
CA PHE A 78 31.32 -4.73 -3.50
C PHE A 78 31.10 -4.63 -4.99
N PRO A 79 30.62 -5.71 -5.63
CA PRO A 79 30.39 -5.65 -7.08
C PRO A 79 29.18 -4.80 -7.44
N MET A 80 29.33 -4.03 -8.50
CA MET A 80 28.26 -3.17 -8.97
C MET A 80 27.36 -3.92 -9.98
N ASN A 81 26.05 -3.63 -9.98
CA ASN A 81 25.16 -4.22 -10.98
C ASN A 81 25.29 -3.43 -12.28
N PRO A 82 25.14 -4.10 -13.42
CA PRO A 82 25.23 -3.40 -14.71
C PRO A 82 24.11 -2.39 -14.96
N PRO A 83 24.28 -1.46 -15.94
CA PRO A 83 23.29 -0.40 -16.15
C PRO A 83 21.83 -0.81 -16.42
N LYS A 84 21.58 -2.02 -16.94
CA LYS A 84 20.19 -2.45 -17.15
C LYS A 84 19.44 -2.55 -15.82
N TYR A 85 20.14 -2.78 -14.69
CA TYR A 85 19.52 -2.86 -13.36
C TYR A 85 19.37 -1.50 -12.66
N ASP A 86 19.63 -0.38 -13.37
CA ASP A 86 19.49 0.94 -12.77
C ASP A 86 18.03 1.22 -12.54
N LYS A 87 17.73 1.74 -11.31
CA LYS A 87 16.38 2.07 -10.87
C LYS A 87 15.45 0.87 -11.00
N ILE A 88 15.95 -0.34 -10.68
CA ILE A 88 15.15 -1.55 -10.81
C ILE A 88 13.90 -1.51 -9.90
N GLU A 89 12.74 -1.95 -10.42
CA GLU A 89 11.48 -1.93 -9.69
C GLU A 89 11.39 -3.01 -8.61
N ASP A 90 12.11 -4.13 -8.78
CA ASP A 90 12.15 -5.19 -7.77
C ASP A 90 13.59 -5.48 -7.51
N MET A 91 14.04 -5.21 -6.31
CA MET A 91 15.42 -5.42 -5.92
C MET A 91 15.78 -6.89 -5.76
N ALA A 92 14.79 -7.79 -5.68
CA ALA A 92 15.08 -9.22 -5.63
C ALA A 92 15.69 -9.70 -6.98
N MET A 93 15.55 -8.90 -8.07
CA MET A 93 16.03 -9.19 -9.42
C MET A 93 17.46 -8.77 -9.71
N MET A 94 18.11 -8.03 -8.80
CA MET A 94 19.50 -7.61 -9.02
C MET A 94 20.42 -8.81 -9.02
N THR A 95 21.48 -8.75 -9.83
CA THR A 95 22.47 -9.83 -9.84
C THR A 95 23.17 -9.93 -8.46
N HIS A 96 23.51 -8.76 -7.90
CA HIS A 96 24.21 -8.60 -6.64
C HIS A 96 23.30 -7.91 -5.65
N LEU A 97 23.15 -8.53 -4.49
CA LEU A 97 22.36 -7.98 -3.43
C LEU A 97 23.25 -7.80 -2.22
N HIS A 98 23.50 -6.54 -1.88
CA HIS A 98 24.27 -6.10 -0.71
C HIS A 98 23.77 -4.71 -0.31
N GLU A 99 24.25 -4.19 0.81
CA GLU A 99 23.81 -2.89 1.29
C GLU A 99 23.99 -1.75 0.27
N PRO A 100 25.19 -1.54 -0.34
CA PRO A 100 25.32 -0.44 -1.31
C PRO A 100 24.38 -0.58 -2.49
N ALA A 101 24.13 -1.81 -2.99
CA ALA A 101 23.22 -1.99 -4.12
C ALA A 101 21.79 -1.55 -3.78
N VAL A 102 21.28 -1.94 -2.61
CA VAL A 102 19.93 -1.58 -2.19
C VAL A 102 19.84 -0.08 -1.90
N LEU A 103 20.87 0.44 -1.19
CA LEU A 103 21.00 1.85 -0.84
C LEU A 103 20.91 2.73 -2.10
N TYR A 104 21.81 2.47 -3.08
CA TYR A 104 21.90 3.20 -4.33
C TYR A 104 20.72 2.99 -5.24
N ASN A 105 20.03 1.83 -5.17
CA ASN A 105 18.83 1.68 -6.00
C ASN A 105 17.74 2.59 -5.45
N LEU A 106 17.53 2.55 -4.11
CA LEU A 106 16.52 3.40 -3.46
C LEU A 106 16.83 4.87 -3.66
N LYS A 107 18.11 5.23 -3.56
CA LYS A 107 18.60 6.57 -3.73
C LYS A 107 18.31 7.09 -5.14
N GLU A 108 18.65 6.29 -6.16
CA GLU A 108 18.47 6.71 -7.54
C GLU A 108 17.04 6.79 -7.95
N ARG A 109 16.19 5.88 -7.43
CA ARG A 109 14.75 5.92 -7.70
C ARG A 109 14.16 7.15 -7.00
N TYR A 110 14.55 7.40 -5.76
CA TYR A 110 14.07 8.55 -5.01
C TYR A 110 14.48 9.87 -5.69
N ALA A 111 15.67 9.89 -6.34
CA ALA A 111 16.15 11.08 -7.04
C ALA A 111 15.29 11.44 -8.26
N ALA A 112 14.64 10.45 -8.85
CA ALA A 112 13.69 10.67 -9.94
C ALA A 112 12.24 10.82 -9.42
N TRP A 113 12.06 10.93 -8.09
CA TRP A 113 10.78 11.03 -7.39
C TRP A 113 9.93 9.75 -7.50
N MET A 114 10.59 8.61 -7.62
CA MET A 114 9.92 7.30 -7.66
C MET A 114 10.08 6.75 -6.25
N ILE A 115 9.04 6.95 -5.42
CA ILE A 115 9.08 6.64 -3.99
C ILE A 115 8.72 5.18 -3.63
N TYR A 116 8.16 4.39 -4.56
CA TYR A 116 7.85 2.99 -4.26
C TYR A 116 8.81 2.03 -4.95
N THR A 117 9.24 0.96 -4.26
CA THR A 117 10.17 -0.01 -4.84
C THR A 117 9.90 -1.36 -4.22
N TYR A 118 9.77 -2.40 -5.03
CA TYR A 118 9.54 -3.75 -4.53
C TYR A 118 10.82 -4.37 -4.00
N SER A 119 10.66 -5.24 -3.03
CA SER A 119 11.73 -5.95 -2.37
C SER A 119 11.25 -7.39 -2.20
N GLY A 120 11.12 -8.09 -3.32
CA GLY A 120 10.60 -9.44 -3.31
C GLY A 120 9.13 -9.42 -2.93
N LEU A 121 8.76 -10.12 -1.85
CA LEU A 121 7.38 -10.22 -1.36
C LEU A 121 6.78 -8.94 -0.74
N PHE A 122 7.58 -7.92 -0.46
CA PHE A 122 7.07 -6.70 0.19
C PHE A 122 7.51 -5.42 -0.54
N CYS A 123 7.04 -4.26 -0.09
CA CYS A 123 7.33 -3.00 -0.74
C CYS A 123 8.01 -2.03 0.20
N VAL A 124 8.93 -1.21 -0.31
CA VAL A 124 9.61 -0.19 0.47
C VAL A 124 9.19 1.18 -0.11
N THR A 125 9.00 2.20 0.78
CA THR A 125 8.67 3.55 0.34
C THR A 125 9.47 4.58 1.10
N VAL A 126 10.08 5.52 0.39
CA VAL A 126 10.90 6.57 1.01
C VAL A 126 10.14 7.87 0.88
N ASN A 127 9.80 8.52 2.02
CA ASN A 127 9.01 9.76 2.13
C ASN A 127 9.56 10.90 1.27
N PRO A 128 8.76 11.42 0.32
CA PRO A 128 9.25 12.53 -0.52
C PRO A 128 9.16 13.91 0.13
N TYR A 129 8.34 14.09 1.18
CA TYR A 129 8.07 15.39 1.83
C TYR A 129 7.56 16.45 0.83
N TRP A 131 4.19 16.75 -2.39
CA TRP A 131 3.08 16.07 -3.04
C TRP A 131 3.39 15.82 -4.49
N LEU A 132 3.31 14.55 -4.89
CA LEU A 132 3.56 14.10 -6.26
C LEU A 132 2.23 13.73 -6.90
N PRO A 133 2.10 13.92 -8.23
CA PRO A 133 0.81 13.65 -8.88
C PRO A 133 0.55 12.19 -9.17
N VAL A 134 1.00 11.29 -8.27
CA VAL A 134 0.83 9.85 -8.43
C VAL A 134 -0.41 9.29 -7.74
N TYR A 135 -1.28 10.14 -7.19
CA TYR A 135 -2.46 9.68 -6.50
C TYR A 135 -3.75 10.25 -7.10
N ASN A 136 -3.73 10.62 -8.40
CA ASN A 136 -4.91 11.15 -9.09
C ASN A 136 -5.94 10.05 -9.32
N ALA A 137 -7.18 10.42 -9.69
CA ALA A 137 -8.22 9.43 -9.98
C ALA A 137 -7.88 8.59 -11.19
N GLU A 138 -7.15 9.20 -12.16
CA GLU A 138 -6.66 8.58 -13.39
C GLU A 138 -5.66 7.43 -13.09
N VAL A 139 -4.85 7.61 -12.04
CA VAL A 139 -3.88 6.62 -11.59
C VAL A 139 -4.57 5.45 -10.93
N VAL A 140 -5.60 5.71 -10.08
CA VAL A 140 -6.42 4.65 -9.46
C VAL A 140 -7.01 3.73 -10.57
N THR A 141 -7.59 4.35 -11.61
CA THR A 141 -8.17 3.64 -12.77
C THR A 141 -7.12 2.73 -13.42
N ALA A 142 -5.92 3.30 -13.71
CA ALA A 142 -4.82 2.62 -14.38
C ALA A 142 -4.31 1.39 -13.62
N TYR A 143 -4.43 1.38 -12.28
CA TYR A 143 -3.96 0.25 -11.48
C TYR A 143 -4.98 -0.87 -11.29
N ARG A 144 -6.26 -0.63 -11.63
CA ARG A 144 -7.30 -1.61 -11.42
C ARG A 144 -7.11 -2.89 -12.26
N GLY A 145 -7.13 -4.03 -11.58
CA GLY A 145 -6.99 -5.34 -12.18
C GLY A 145 -5.59 -5.77 -12.56
N LYS A 146 -4.62 -4.84 -12.59
CA LYS A 146 -3.21 -5.14 -12.94
C LYS A 146 -2.51 -6.06 -11.94
N LYS A 147 -1.77 -7.07 -12.48
CA LYS A 147 -0.95 -7.99 -11.69
C LYS A 147 0.31 -7.22 -11.21
N ARG A 148 0.95 -7.67 -10.12
CA ARG A 148 2.12 -6.96 -9.56
C ARG A 148 3.24 -6.69 -10.58
N GLN A 149 3.37 -7.57 -11.57
CA GLN A 149 4.37 -7.50 -12.64
C GLN A 149 3.95 -6.56 -13.80
N GLU A 150 2.63 -6.36 -13.98
CA GLU A 150 2.06 -5.56 -15.06
C GLU A 150 2.19 -4.06 -14.89
N ALA A 151 2.59 -3.56 -13.70
CA ALA A 151 2.60 -2.11 -13.48
C ALA A 151 3.67 -1.62 -12.50
N PRO A 152 4.04 -0.33 -12.54
CA PRO A 152 5.09 0.16 -11.65
C PRO A 152 4.77 -0.02 -10.17
N PRO A 153 5.78 -0.08 -9.27
CA PRO A 153 5.48 -0.18 -7.84
C PRO A 153 4.72 1.05 -7.35
N HIS A 154 3.73 0.80 -6.50
CA HIS A 154 2.85 1.82 -5.95
C HIS A 154 2.02 1.23 -4.83
N ILE A 155 1.56 2.08 -3.90
CA ILE A 155 0.67 1.64 -2.83
C ILE A 155 -0.64 1.10 -3.42
N PHE A 156 -1.10 1.63 -4.56
CA PHE A 156 -2.33 1.17 -5.25
C PHE A 156 -2.17 -0.25 -5.76
N SER A 157 -0.97 -0.61 -6.22
CA SER A 157 -0.71 -1.96 -6.69
C SER A 157 -0.76 -2.94 -5.53
N ILE A 158 -0.22 -2.57 -4.37
CA ILE A 158 -0.25 -3.43 -3.19
C ILE A 158 -1.70 -3.65 -2.76
N SER A 159 -2.51 -2.59 -2.80
CA SER A 159 -3.91 -2.65 -2.44
C SER A 159 -4.65 -3.57 -3.39
N ASP A 160 -4.49 -3.35 -4.71
CA ASP A 160 -5.17 -4.16 -5.71
C ASP A 160 -4.79 -5.61 -5.64
N ASN A 161 -3.49 -5.89 -5.46
CA ASN A 161 -2.97 -7.24 -5.34
CA ASN A 161 -3.06 -7.27 -5.41
C ASN A 161 -3.61 -7.96 -4.14
N ALA A 162 -3.75 -7.21 -3.00
CA ALA A 162 -4.36 -7.77 -1.77
C ALA A 162 -5.82 -8.16 -2.06
N TYR A 163 -6.54 -7.30 -2.80
CA TYR A 163 -7.91 -7.53 -3.24
C TYR A 163 -8.02 -8.81 -4.11
N GLN A 164 -7.06 -8.99 -5.03
CA GLN A 164 -7.01 -10.15 -5.92
C GLN A 164 -6.82 -11.41 -5.11
N PHE A 165 -5.87 -11.39 -4.16
CA PHE A 165 -5.62 -12.55 -3.30
C PHE A 165 -6.86 -12.92 -2.49
N MET A 166 -7.61 -11.91 -2.05
CA MET A 166 -8.82 -12.08 -1.27
C MET A 166 -9.85 -12.89 -2.07
N LEU A 167 -10.04 -12.56 -3.36
CA LEU A 167 -10.99 -13.29 -4.19
C LEU A 167 -10.47 -14.70 -4.55
N THR A 168 -9.21 -14.79 -5.00
CA THR A 168 -8.65 -16.07 -5.45
C THR A 168 -8.48 -17.13 -4.33
N ASP A 169 -7.96 -16.72 -3.17
CA ASP A 169 -7.79 -17.64 -2.06
C ASP A 169 -9.02 -17.68 -1.13
N ARG A 170 -10.03 -16.77 -1.33
CA ARG A 170 -11.24 -16.65 -0.50
C ARG A 170 -10.81 -16.46 0.96
N GLU A 171 -9.91 -15.47 1.19
CA GLU A 171 -9.22 -15.23 2.46
C GLU A 171 -9.17 -13.77 2.85
N ASN A 172 -9.21 -13.46 4.15
CA ASN A 172 -9.06 -12.08 4.61
C ASN A 172 -7.60 -11.65 4.48
N GLN A 173 -7.40 -10.40 4.09
CA GLN A 173 -6.06 -9.86 3.91
C GLN A 173 -5.81 -8.71 4.90
N SER A 174 -4.53 -8.38 5.11
CA SER A 174 -4.17 -7.24 5.91
C SER A 174 -2.97 -6.53 5.30
N ILE A 175 -2.98 -5.21 5.31
CA ILE A 175 -1.91 -4.39 4.78
C ILE A 175 -1.23 -3.69 5.96
N LEU A 176 -0.02 -4.15 6.28
CA LEU A 176 0.70 -3.66 7.44
C LEU A 176 1.77 -2.70 7.00
N ILE A 177 1.63 -1.46 7.40
CA ILE A 177 2.54 -0.38 7.03
C ILE A 177 3.45 -0.02 8.25
N THR A 178 4.75 -0.36 8.10
CA THR A 178 5.90 -0.22 9.02
C THR A 178 6.52 1.17 8.96
N GLY A 179 7.19 1.58 10.03
CA GLY A 179 7.96 2.82 10.02
C GLY A 179 8.13 3.51 11.34
N GLU A 180 9.20 4.30 11.47
CA GLU A 180 9.38 5.11 12.66
C GLU A 180 8.51 6.37 12.55
N SER A 181 8.39 7.19 13.61
CA SER A 181 7.58 8.40 13.57
C SER A 181 7.92 9.31 12.36
N GLY A 182 6.93 9.63 11.56
CA GLY A 182 7.09 10.51 10.42
C GLY A 182 7.45 9.87 9.09
N ALA A 183 7.56 8.52 9.05
CA ALA A 183 7.95 7.73 7.88
C ALA A 183 6.97 7.77 6.73
N GLY A 184 5.67 7.79 7.01
CA GLY A 184 4.64 7.84 5.97
C GLY A 184 3.52 6.82 6.12
N LYS A 185 3.36 6.20 7.31
CA LYS A 185 2.31 5.20 7.56
C LYS A 185 0.90 5.76 7.38
N THR A 186 0.59 6.93 7.96
CA THR A 186 -0.74 7.53 7.86
C THR A 186 -1.05 7.91 6.41
N VAL A 187 -0.10 8.51 5.68
CA VAL A 187 -0.31 8.90 4.29
C VAL A 187 -0.61 7.66 3.44
N ASN A 188 0.19 6.60 3.62
CA ASN A 188 -0.03 5.38 2.86
C ASN A 188 -1.34 4.68 3.25
N THR A 189 -1.76 4.80 4.52
CA THR A 189 -3.03 4.24 4.98
C THR A 189 -4.18 4.95 4.27
N LYS A 190 -4.11 6.27 4.19
CA LYS A 190 -5.12 7.08 3.52
C LYS A 190 -5.18 6.81 2.02
N ARG A 191 -4.05 6.43 1.40
CA ARG A 191 -4.01 6.10 -0.02
C ARG A 191 -4.66 4.75 -0.28
N VAL A 192 -4.48 3.78 0.65
CA VAL A 192 -5.12 2.47 0.54
C VAL A 192 -6.62 2.65 0.63
N ILE A 193 -7.09 3.47 1.58
CA ILE A 193 -8.50 3.77 1.76
C ILE A 193 -9.03 4.46 0.50
N GLN A 194 -8.27 5.43 -0.05
CA GLN A 194 -8.63 6.16 -1.27
C GLN A 194 -8.87 5.20 -2.43
N TYR A 195 -7.95 4.24 -2.61
CA TYR A 195 -8.01 3.26 -3.66
C TYR A 195 -9.30 2.47 -3.63
N PHE A 196 -9.62 1.83 -2.50
CA PHE A 196 -10.85 1.04 -2.39
C PHE A 196 -12.14 1.85 -2.44
N ALA A 197 -12.14 3.08 -1.90
CA ALA A 197 -13.31 3.93 -1.93
C ALA A 197 -13.62 4.40 -3.38
N THR A 198 -12.59 4.85 -4.13
CA THR A 198 -12.76 5.37 -5.49
C THR A 198 -13.36 4.32 -6.44
N ILE A 199 -12.87 3.08 -6.31
CA ILE A 199 -13.31 1.94 -7.13
C ILE A 199 -14.66 1.33 -6.68
N MET A 215 -23.73 17.98 2.73
CA MET A 215 -24.65 16.94 3.20
C MET A 215 -23.92 15.61 3.51
N GLN A 216 -24.65 14.66 4.13
CA GLN A 216 -24.12 13.34 4.47
C GLN A 216 -23.74 12.62 3.19
N GLY A 217 -22.57 12.01 3.19
CA GLY A 217 -22.07 11.31 2.02
C GLY A 217 -22.43 9.84 1.94
N THR A 218 -21.97 9.20 0.87
CA THR A 218 -22.14 7.77 0.62
C THR A 218 -21.07 7.03 1.41
N LEU A 219 -21.13 5.68 1.50
CA LEU A 219 -20.10 4.88 2.18
C LEU A 219 -18.67 5.26 1.73
N GLU A 220 -18.47 5.50 0.42
CA GLU A 220 -17.18 5.89 -0.13
C GLU A 220 -16.70 7.25 0.42
N ASP A 221 -17.58 8.26 0.43
CA ASP A 221 -17.22 9.58 0.95
C ASP A 221 -16.96 9.54 2.45
N GLN A 222 -17.72 8.71 3.17
CA GLN A 222 -17.63 8.57 4.62
C GLN A 222 -16.37 7.84 5.05
N ILE A 223 -15.92 6.82 4.28
CA ILE A 223 -14.68 6.11 4.62
C ILE A 223 -13.50 7.08 4.51
N ILE A 224 -13.49 7.87 3.44
CA ILE A 224 -12.47 8.86 3.21
C ILE A 224 -12.44 9.95 4.31
N SER A 225 -13.62 10.47 4.68
CA SER A 225 -13.77 11.54 5.67
C SER A 225 -13.54 11.11 7.10
N ALA A 226 -13.62 9.81 7.42
CA ALA A 226 -13.40 9.35 8.80
C ALA A 226 -12.01 9.76 9.33
N ASN A 227 -10.96 9.68 8.49
CA ASN A 227 -9.60 10.07 8.88
C ASN A 227 -9.43 11.55 9.25
N PRO A 228 -9.75 12.55 8.40
CA PRO A 228 -9.55 13.95 8.82
C PRO A 228 -10.21 14.33 10.15
N LEU A 229 -11.38 13.72 10.47
CA LEU A 229 -12.04 13.97 11.74
C LEU A 229 -11.21 13.40 12.90
N LEU A 230 -10.87 12.11 12.84
CA LEU A 230 -10.09 11.48 13.90
C LEU A 230 -8.69 12.07 14.03
N GLU A 231 -8.11 12.58 12.94
CA GLU A 231 -6.80 13.21 12.98
C GLU A 231 -6.83 14.53 13.72
N ALA A 232 -7.97 15.25 13.68
CA ALA A 232 -8.09 16.50 14.42
C ALA A 232 -8.02 16.25 15.93
N PHE A 233 -8.61 15.15 16.40
CA PHE A 233 -8.67 14.82 17.79
C PHE A 233 -7.61 13.85 18.31
N ALA A 234 -6.92 13.14 17.43
CA ALA A 234 -5.94 12.15 17.85
C ALA A 234 -4.54 12.33 17.31
N ASN A 235 -4.32 13.35 16.47
CA ASN A 235 -3.00 13.64 15.92
C ASN A 235 -2.47 14.93 16.51
N ALA A 236 -1.14 15.03 16.68
CA ALA A 236 -0.52 16.20 17.29
C ALA A 236 0.88 16.45 16.76
N LYS A 237 1.37 17.70 16.84
CA LYS A 237 2.75 17.98 16.43
C LYS A 237 3.70 17.47 17.50
N THR A 238 4.70 16.75 17.04
CA THR A 238 5.75 16.09 17.78
C THR A 238 7.08 16.56 17.15
N VAL A 239 8.22 16.36 17.82
CA VAL A 239 9.52 16.77 17.26
C VAL A 239 9.86 16.04 15.96
N ARG A 240 9.39 14.81 15.80
CA ARG A 240 9.65 13.97 14.63
C ARG A 240 8.59 14.09 13.54
N ASN A 241 7.36 14.53 13.87
CA ASN A 241 6.29 14.62 12.88
C ASN A 241 5.29 15.73 13.25
N ASP A 242 4.94 16.63 12.30
CA ASP A 242 3.96 17.71 12.51
C ASP A 242 2.52 17.19 12.61
N ASN A 243 2.26 15.99 12.08
CA ASN A 243 0.94 15.38 12.13
C ASN A 243 1.06 13.96 12.71
N SER A 244 1.71 13.84 13.87
CA SER A 244 1.92 12.54 14.49
C SER A 244 0.64 11.84 14.98
N SER A 245 0.43 10.56 14.59
CA SER A 245 -0.71 9.79 15.07
C SER A 245 -0.46 9.44 16.53
N ARG A 246 -1.36 9.85 17.45
CA ARG A 246 -1.19 9.50 18.88
C ARG A 246 -2.14 8.38 19.33
N PHE A 247 -2.69 7.62 18.37
CA PHE A 247 -3.57 6.46 18.50
C PHE A 247 -3.32 5.54 17.29
N GLY A 248 -3.52 4.25 17.49
CA GLY A 248 -3.38 3.27 16.43
C GLY A 248 -4.75 2.93 15.89
N LYS A 249 -4.81 2.50 14.62
CA LYS A 249 -6.08 2.12 14.02
C LYS A 249 -5.96 0.98 13.03
N PHE A 250 -7.00 0.17 12.98
CA PHE A 250 -7.11 -0.95 12.09
C PHE A 250 -8.42 -0.79 11.38
N ILE A 251 -8.35 -0.42 10.11
CA ILE A 251 -9.55 -0.18 9.32
C ILE A 251 -9.83 -1.42 8.52
N ARG A 252 -11.00 -2.04 8.69
CA ARG A 252 -11.38 -3.20 7.91
C ARG A 252 -12.31 -2.77 6.83
N ILE A 253 -11.99 -3.12 5.60
CA ILE A 253 -12.85 -2.79 4.47
C ILE A 253 -13.52 -4.10 4.03
N HIS A 254 -14.83 -4.20 4.26
CA HIS A 254 -15.57 -5.43 3.97
C HIS A 254 -16.08 -5.49 2.54
N PHE A 255 -15.98 -6.68 1.95
CA PHE A 255 -16.41 -6.98 0.58
C PHE A 255 -17.34 -8.18 0.56
N GLY A 256 -18.32 -8.18 -0.35
CA GLY A 256 -19.23 -9.30 -0.48
C GLY A 256 -18.65 -10.44 -1.30
N THR A 257 -19.39 -11.55 -1.45
CA THR A 257 -18.90 -12.72 -2.19
C THR A 257 -18.35 -12.40 -3.58
N THR A 258 -19.04 -11.54 -4.36
CA THR A 258 -18.53 -11.18 -5.69
C THR A 258 -17.29 -10.27 -5.66
N GLY A 259 -17.20 -9.45 -4.63
CA GLY A 259 -16.11 -8.50 -4.50
C GLY A 259 -16.57 -7.06 -4.49
N LYS A 260 -17.85 -6.82 -4.16
CA LYS A 260 -18.38 -5.45 -4.07
C LYS A 260 -18.09 -4.87 -2.68
N LEU A 261 -17.69 -3.59 -2.60
CA LEU A 261 -17.42 -2.94 -1.29
C LEU A 261 -18.73 -2.85 -0.51
N ALA A 262 -18.84 -3.66 0.54
CA ALA A 262 -20.06 -3.75 1.32
C ALA A 262 -20.12 -2.80 2.53
N SER A 263 -19.10 -2.79 3.37
CA SER A 263 -19.08 -2.03 4.62
C SER A 263 -17.61 -1.69 4.99
N ALA A 264 -17.43 -1.05 6.14
CA ALA A 264 -16.13 -0.74 6.72
C ALA A 264 -16.26 -0.51 8.23
N ASP A 265 -15.17 -0.69 8.95
CA ASP A 265 -15.13 -0.41 10.38
C ASP A 265 -13.74 -0.01 10.81
N ILE A 266 -13.69 0.84 11.82
CA ILE A 266 -12.45 1.32 12.38
C ILE A 266 -12.37 0.84 13.80
N GLU A 267 -11.21 0.34 14.16
CA GLU A 267 -10.93 0.01 15.54
C GLU A 267 -9.75 0.87 15.95
N THR A 268 -9.89 1.60 17.05
CA THR A 268 -8.78 2.40 17.58
C THR A 268 -8.30 1.75 18.88
N TYR A 269 -7.00 1.92 19.16
CA TYR A 269 -6.41 1.35 20.37
C TYR A 269 -6.28 2.46 21.41
N LEU A 270 -5.28 2.44 22.32
CA LEU A 270 -5.23 3.47 23.35
C LEU A 270 -4.90 4.86 22.77
N LEU A 271 -5.65 5.89 23.15
CA LEU A 271 -5.35 7.27 22.76
C LEU A 271 -4.37 7.77 23.83
N GLU A 272 -3.38 8.58 23.43
CA GLU A 272 -2.43 9.14 24.38
C GLU A 272 -3.15 10.28 25.13
N LYS A 273 -3.92 9.93 26.19
CA LYS A 273 -4.70 10.88 26.97
C LYS A 273 -3.84 11.94 27.61
N SER A 274 -2.62 11.58 28.03
CA SER A 274 -1.73 12.51 28.72
C SER A 274 -1.50 13.83 27.97
N ARG A 275 -1.50 13.77 26.64
CA ARG A 275 -1.28 14.93 25.79
C ARG A 275 -2.34 16.05 25.92
N VAL A 276 -3.53 15.69 26.43
CA VAL A 276 -4.61 16.64 26.63
C VAL A 276 -4.20 17.70 27.65
N THR A 277 -3.48 17.27 28.71
CA THR A 277 -3.07 18.15 29.80
C THR A 277 -1.55 18.39 29.92
N PHE A 278 -0.72 17.76 29.06
CA PHE A 278 0.73 17.92 29.16
C PHE A 278 1.41 17.94 27.82
N GLN A 279 2.38 18.83 27.64
CA GLN A 279 3.16 18.87 26.40
C GLN A 279 4.63 19.14 26.72
N LEU A 280 5.55 18.50 25.99
CA LEU A 280 6.98 18.79 26.08
C LEU A 280 7.22 20.13 25.32
N LYS A 281 8.34 20.80 25.57
CA LYS A 281 8.67 22.11 24.99
C LYS A 281 8.45 22.25 23.47
N ALA A 282 8.88 21.25 22.68
CA ALA A 282 8.79 21.36 21.23
C ALA A 282 7.64 20.58 20.58
N GLU A 283 6.50 20.48 21.27
CA GLU A 283 5.35 19.77 20.73
C GLU A 283 4.04 20.45 21.14
N ARG A 284 2.95 20.14 20.42
CA ARG A 284 1.65 20.71 20.70
C ARG A 284 0.73 19.62 21.27
N SER A 285 -0.46 20.01 21.69
CA SER A 285 -1.51 19.08 22.07
C SER A 285 -2.25 18.70 20.72
N TYR A 286 -3.42 18.07 20.81
CA TYR A 286 -4.18 17.69 19.64
C TYR A 286 -4.59 18.87 18.77
N HIS A 287 -4.51 18.70 17.45
CA HIS A 287 -4.76 19.75 16.45
C HIS A 287 -6.02 20.58 16.72
N ILE A 288 -7.11 19.90 17.13
CA ILE A 288 -8.43 20.49 17.33
C ILE A 288 -8.41 21.78 18.13
N PHE A 289 -7.64 21.86 19.22
CA PHE A 289 -7.59 23.06 20.05
C PHE A 289 -7.16 24.28 19.25
N TYR A 290 -6.10 24.13 18.46
CA TYR A 290 -5.53 25.19 17.62
C TYR A 290 -6.43 25.49 16.41
N GLN A 291 -7.12 24.46 15.89
CA GLN A 291 -8.05 24.64 14.79
C GLN A 291 -9.22 25.52 15.24
N ILE A 292 -9.76 25.26 16.44
CA ILE A 292 -10.88 26.03 17.00
C ILE A 292 -10.48 27.50 17.22
N MET A 293 -9.34 27.70 17.91
CA MET A 293 -8.83 29.02 18.20
C MET A 293 -8.29 29.77 17.00
N SER A 294 -8.17 29.12 15.83
CA SER A 294 -7.71 29.78 14.60
C SER A 294 -8.69 30.85 14.09
N ASN A 295 -9.90 30.94 14.66
CA ASN A 295 -10.92 31.94 14.34
C ASN A 295 -11.47 31.87 12.92
N LYS A 296 -11.29 30.73 12.24
CA LYS A 296 -11.88 30.56 10.91
C LYS A 296 -13.43 30.55 11.05
N LYS A 297 -13.92 29.96 12.14
CA LYS A 297 -15.33 29.96 12.48
C LYS A 297 -15.47 30.76 13.78
N PRO A 298 -15.71 32.08 13.66
CA PRO A 298 -15.84 32.92 14.86
C PRO A 298 -16.99 32.50 15.76
N ASP A 299 -18.04 31.90 15.20
CA ASP A 299 -19.16 31.41 15.99
C ASP A 299 -18.77 30.35 17.02
N LEU A 300 -17.72 29.56 16.71
CA LEU A 300 -17.24 28.52 17.62
C LEU A 300 -16.61 29.17 18.85
N ILE A 301 -15.86 30.27 18.65
CA ILE A 301 -15.22 31.03 19.72
C ILE A 301 -16.30 31.54 20.67
N GLU A 302 -17.37 32.12 20.11
CA GLU A 302 -18.52 32.63 20.85
C GLU A 302 -19.19 31.50 21.64
N MET A 303 -19.54 30.38 20.96
CA MET A 303 -20.20 29.21 21.52
C MET A 303 -19.43 28.59 22.67
N LEU A 304 -18.11 28.53 22.55
CA LEU A 304 -17.28 27.91 23.57
C LEU A 304 -16.86 28.86 24.68
N LEU A 305 -17.13 30.17 24.56
CA LEU A 305 -16.77 31.16 25.59
C LEU A 305 -15.25 31.21 25.80
N ILE A 306 -14.51 31.14 24.69
CA ILE A 306 -13.06 31.15 24.74
C ILE A 306 -12.49 32.36 23.96
N THR A 307 -11.15 32.50 23.96
CA THR A 307 -10.42 33.54 23.24
C THR A 307 -9.71 32.85 22.04
N THR A 308 -9.11 33.65 21.14
CA THR A 308 -8.33 33.13 20.03
C THR A 308 -6.82 32.96 20.39
N ASN A 309 -6.44 33.20 21.67
CA ASN A 309 -5.06 33.06 22.12
C ASN A 309 -4.87 31.79 22.92
N PRO A 310 -4.16 30.79 22.34
CA PRO A 310 -3.93 29.52 23.06
C PRO A 310 -3.26 29.67 24.41
N TYR A 311 -2.39 30.70 24.56
CA TYR A 311 -1.71 30.95 25.83
C TYR A 311 -2.65 31.16 27.00
N ASP A 312 -3.91 31.51 26.70
CA ASP A 312 -4.92 31.67 27.72
C ASP A 312 -5.41 30.33 28.29
N TYR A 313 -4.91 29.16 27.79
CA TYR A 313 -5.38 27.84 28.24
C TYR A 313 -4.21 26.98 28.70
N ALA A 314 -4.09 26.77 30.03
CA ALA A 314 -2.99 26.04 30.69
C ALA A 314 -2.71 24.62 30.16
N PHE A 315 -3.76 23.84 29.90
CA PHE A 315 -3.63 22.45 29.45
C PHE A 315 -3.02 22.29 28.08
N VAL A 316 -3.21 23.27 27.17
CA VAL A 316 -2.77 23.12 25.78
C VAL A 316 -1.68 24.09 25.31
N SER A 317 -1.07 24.85 26.25
CA SER A 317 -0.04 25.81 25.86
C SER A 317 1.32 25.61 26.56
N GLN A 318 1.66 24.37 26.96
CA GLN A 318 2.92 24.04 27.63
C GLN A 318 4.14 23.87 26.70
N GLY A 319 3.89 23.69 25.41
CA GLY A 319 4.91 23.56 24.38
C GLY A 319 4.75 24.59 23.27
N GLU A 320 4.61 24.12 22.03
CA GLU A 320 4.41 25.02 20.89
C GLU A 320 2.92 25.33 20.64
N ILE A 321 2.64 26.37 19.85
CA ILE A 321 1.29 26.86 19.58
C ILE A 321 0.96 26.85 18.07
N THR A 322 1.95 27.18 17.22
CA THR A 322 1.79 27.21 15.77
C THR A 322 2.78 26.27 15.08
N VAL A 323 2.42 25.81 13.88
CA VAL A 323 3.26 24.91 13.10
C VAL A 323 3.33 25.47 11.68
N PRO A 324 4.53 25.90 11.23
CA PRO A 324 4.63 26.48 9.88
C PRO A 324 3.96 25.70 8.76
N SER A 325 4.08 24.35 8.74
CA SER A 325 3.47 23.50 7.71
C SER A 325 1.92 23.37 7.78
N ILE A 326 1.31 23.74 8.92
CA ILE A 326 -0.13 23.63 9.14
C ILE A 326 -0.87 24.97 9.08
N ASP A 327 -1.97 24.99 8.33
CA ASP A 327 -2.89 26.13 8.26
C ASP A 327 -4.04 25.69 9.15
N ASP A 328 -4.06 26.11 10.43
CA ASP A 328 -5.09 25.67 11.35
C ASP A 328 -6.50 26.14 10.95
N GLN A 329 -6.60 27.21 10.15
CA GLN A 329 -7.89 27.68 9.67
C GLN A 329 -8.46 26.71 8.61
N GLU A 330 -7.65 26.35 7.61
CA GLU A 330 -8.08 25.44 6.54
C GLU A 330 -8.39 24.04 7.10
N GLU A 331 -7.61 23.60 8.10
CA GLU A 331 -7.80 22.31 8.76
C GLU A 331 -9.07 22.28 9.59
N LEU A 332 -9.50 23.42 10.16
CA LEU A 332 -10.77 23.47 10.88
C LEU A 332 -11.91 23.24 9.90
N MET A 333 -11.81 23.83 8.68
CA MET A 333 -12.81 23.63 7.63
C MET A 333 -12.87 22.18 7.23
N ALA A 334 -11.71 21.52 7.10
CA ALA A 334 -11.69 20.10 6.79
C ALA A 334 -12.34 19.27 7.91
N THR A 335 -12.09 19.58 9.21
CA THR A 335 -12.68 18.85 10.34
C THR A 335 -14.19 19.04 10.37
N ASP A 336 -14.65 20.29 10.20
CA ASP A 336 -16.07 20.60 10.19
C ASP A 336 -16.76 19.93 9.02
N SER A 337 -16.11 19.93 7.85
CA SER A 337 -16.67 19.30 6.69
C SER A 337 -16.77 17.80 6.86
N ALA A 338 -15.81 17.18 7.57
CA ALA A 338 -15.83 15.73 7.82
C ALA A 338 -16.99 15.37 8.73
N ILE A 339 -17.29 16.22 9.74
CA ILE A 339 -18.43 16.01 10.61
C ILE A 339 -19.74 16.05 9.81
N ASP A 340 -19.82 16.92 8.80
CA ASP A 340 -21.00 17.03 7.95
C ASP A 340 -21.19 15.78 7.07
N ILE A 341 -20.12 15.35 6.39
CA ILE A 341 -20.17 14.17 5.55
C ILE A 341 -20.50 12.92 6.37
N LEU A 342 -20.00 12.85 7.61
CA LEU A 342 -20.26 11.70 8.46
C LEU A 342 -21.69 11.65 9.02
N GLY A 343 -22.45 12.73 8.88
CA GLY A 343 -23.85 12.74 9.31
C GLY A 343 -24.10 12.86 10.79
N PHE A 344 -23.29 13.67 11.47
CA PHE A 344 -23.52 13.93 12.88
C PHE A 344 -24.68 14.92 12.95
N THR A 345 -25.61 14.75 13.91
CA THR A 345 -26.74 15.68 14.04
C THR A 345 -26.23 17.07 14.43
N SER A 346 -27.08 18.10 14.31
CA SER A 346 -26.69 19.47 14.67
C SER A 346 -26.29 19.56 16.13
N ASP A 347 -27.03 18.83 17.00
CA ASP A 347 -26.80 18.75 18.43
C ASP A 347 -25.52 18.00 18.74
N GLU A 348 -25.24 16.91 18.01
CA GLU A 348 -24.01 16.14 18.18
C GLU A 348 -22.82 17.00 17.82
N ARG A 349 -22.89 17.76 16.70
CA ARG A 349 -21.80 18.63 16.28
C ARG A 349 -21.50 19.69 17.34
N VAL A 350 -22.55 20.34 17.86
CA VAL A 350 -22.38 21.35 18.92
C VAL A 350 -21.73 20.73 20.16
N SER A 351 -22.23 19.55 20.59
CA SER A 351 -21.70 18.87 21.76
C SER A 351 -20.22 18.52 21.63
N ILE A 352 -19.78 18.18 20.41
CA ILE A 352 -18.37 17.86 20.16
C ILE A 352 -17.50 19.09 20.44
N TYR A 353 -17.89 20.24 19.89
CA TYR A 353 -17.14 21.46 20.09
C TYR A 353 -17.23 21.91 21.52
N LYS A 354 -18.45 21.92 22.10
CA LYS A 354 -18.67 22.37 23.48
C LYS A 354 -17.88 21.58 24.53
N LEU A 355 -17.81 20.25 24.37
CA LEU A 355 -17.04 19.43 25.30
C LEU A 355 -15.54 19.72 25.18
N THR A 356 -15.06 20.00 23.95
CA THR A 356 -13.67 20.37 23.70
C THR A 356 -13.36 21.68 24.44
N GLY A 357 -14.27 22.64 24.33
CA GLY A 357 -14.16 23.92 25.03
C GLY A 357 -14.11 23.75 26.53
N ALA A 358 -14.97 22.85 27.08
CA ALA A 358 -15.00 22.58 28.51
C ALA A 358 -13.67 21.99 28.98
N VAL A 359 -13.03 21.15 28.16
CA VAL A 359 -11.73 20.57 28.48
C VAL A 359 -10.69 21.68 28.66
N MET A 360 -10.69 22.65 27.74
CA MET A 360 -9.79 23.80 27.82
C MET A 360 -9.98 24.58 29.12
N HIS A 361 -11.25 24.88 29.48
CA HIS A 361 -11.61 25.62 30.69
C HIS A 361 -11.20 24.88 31.96
N TYR A 362 -11.38 23.56 32.04
CA TYR A 362 -10.99 22.79 33.22
C TYR A 362 -9.55 23.06 33.70
N GLY A 363 -8.64 23.24 32.74
CA GLY A 363 -7.23 23.52 33.01
C GLY A 363 -6.96 24.83 33.69
N ASN A 364 -7.85 25.81 33.52
CA ASN A 364 -7.75 27.16 34.09
C ASN A 364 -8.43 27.34 35.47
N MET A 365 -9.09 26.29 35.98
CA MET A 365 -9.74 26.34 37.27
C MET A 365 -8.71 26.46 38.37
N LYS A 366 -8.90 27.41 39.30
CA LYS A 366 -7.97 27.61 40.39
C LYS A 366 -8.57 27.20 41.73
N PHE A 367 -7.74 26.62 42.60
CA PHE A 367 -8.12 26.15 43.92
C PHE A 367 -7.05 26.56 44.95
N LYS A 368 -7.48 26.74 46.18
CA LYS A 368 -6.62 27.16 47.28
C LYS A 368 -7.01 26.43 48.56
N GLN A 369 -6.08 26.39 49.53
CA GLN A 369 -6.38 25.75 50.81
C GLN A 369 -7.24 26.67 51.63
N LYS A 370 -8.14 26.08 52.41
CA LYS A 370 -8.92 26.83 53.39
C LYS A 370 -7.94 27.26 54.52
N GLN A 371 -8.25 28.35 55.25
CA GLN A 371 -7.40 28.80 56.34
C GLN A 371 -7.36 27.76 57.47
N ARG A 372 -6.16 27.49 58.03
CA ARG A 372 -5.91 26.50 59.08
C ARG A 372 -6.26 25.05 58.65
N GLU A 373 -6.23 24.74 57.34
CA GLU A 373 -6.58 23.41 56.80
C GLU A 373 -5.80 23.08 55.53
N GLU A 374 -5.76 21.79 55.16
CA GLU A 374 -5.19 21.31 53.91
C GLU A 374 -6.29 21.14 52.82
N GLN A 375 -7.57 21.16 53.22
CA GLN A 375 -8.75 21.03 52.37
C GLN A 375 -8.80 22.14 51.32
N ALA A 376 -9.10 21.76 50.09
CA ALA A 376 -9.21 22.67 48.97
C ALA A 376 -10.56 23.39 48.96
N GLU A 377 -10.59 24.54 48.33
CA GLU A 377 -11.77 25.35 48.10
C GLU A 377 -11.48 26.21 46.86
N PRO A 378 -12.51 26.51 46.06
CA PRO A 378 -12.28 27.31 44.85
C PRO A 378 -11.64 28.68 45.12
N ASP A 379 -10.73 29.06 44.24
CA ASP A 379 -10.00 30.33 44.26
C ASP A 379 -10.65 31.12 43.12
N GLY A 380 -11.89 31.55 43.34
CA GLY A 380 -12.67 32.19 42.30
C GLY A 380 -13.53 31.15 41.58
N THR A 381 -14.65 31.57 40.96
CA THR A 381 -15.53 30.60 40.31
C THR A 381 -15.84 30.91 38.83
N GLU A 382 -15.28 31.99 38.27
CA GLU A 382 -15.54 32.43 36.89
C GLU A 382 -15.24 31.37 35.80
N VAL A 383 -14.08 30.68 35.90
CA VAL A 383 -13.71 29.64 34.94
C VAL A 383 -14.64 28.43 35.08
N ALA A 384 -14.87 27.97 36.33
CA ALA A 384 -15.77 26.86 36.62
C ALA A 384 -17.18 27.11 36.07
N ASP A 385 -17.65 28.38 36.12
CA ASP A 385 -18.95 28.78 35.57
C ASP A 385 -19.03 28.54 34.07
N LYS A 386 -17.93 28.78 33.31
CA LYS A 386 -17.92 28.58 31.86
C LYS A 386 -17.94 27.11 31.54
N ALA A 387 -17.11 26.31 32.21
CA ALA A 387 -17.02 24.87 31.97
C ALA A 387 -18.33 24.17 32.31
N ALA A 388 -18.97 24.56 33.41
CA ALA A 388 -20.25 23.97 33.79
C ALA A 388 -21.34 24.36 32.84
N TYR A 389 -21.29 25.57 32.27
CA TYR A 389 -22.26 26.00 31.26
C TYR A 389 -22.15 25.12 30.03
N LEU A 390 -20.91 24.89 29.58
CA LEU A 390 -20.65 24.09 28.40
C LEU A 390 -21.05 22.64 28.61
N GLN A 391 -20.97 22.13 29.84
CA GLN A 391 -21.34 20.75 30.13
C GLN A 391 -22.79 20.56 30.61
N SER A 392 -23.58 21.66 30.69
CA SER A 392 -24.96 21.69 31.18
C SER A 392 -25.05 21.14 32.60
N LEU A 393 -24.14 21.61 33.44
CA LEU A 393 -24.03 21.24 34.84
C LEU A 393 -24.19 22.49 35.71
N ASN A 394 -24.52 22.30 36.99
CA ASN A 394 -24.60 23.41 37.93
C ASN A 394 -23.15 23.60 38.43
N SER A 395 -22.56 24.79 38.27
CA SER A 395 -21.16 24.99 38.66
C SER A 395 -20.88 24.79 40.14
N UNK A 396 -21.85 25.11 40.99
CA UNK A 396 -21.67 24.91 42.43
C UNK A 396 -21.64 23.42 42.76
N ASP A 397 -22.44 22.60 42.04
CA ASP A 397 -22.41 21.16 42.24
C ASP A 397 -21.08 20.60 41.78
N LEU A 398 -20.56 21.06 40.62
CA LEU A 398 -19.28 20.61 40.10
C LEU A 398 -18.13 20.84 41.11
N LEU A 399 -18.02 22.07 41.63
CA LEU A 399 -16.97 22.42 42.58
C LEU A 399 -17.11 21.67 43.91
N LYS A 400 -18.34 21.43 44.37
CA LYS A 400 -18.53 20.70 45.63
C LYS A 400 -18.17 19.22 45.46
N ALA A 401 -18.47 18.65 44.29
CA ALA A 401 -18.14 17.24 44.02
C ALA A 401 -16.63 17.03 43.94
N LEU A 402 -15.90 18.01 43.42
CA LEU A 402 -14.45 17.94 43.31
C LEU A 402 -13.80 18.01 44.69
N CYS A 403 -14.25 18.95 45.54
CA CYS A 403 -13.65 19.18 46.85
C CYS A 403 -14.12 18.21 47.93
N TYR A 404 -15.35 17.71 47.79
CA TYR A 404 -15.97 16.82 48.76
C TYR A 404 -16.66 15.60 48.13
N PRO A 405 -15.90 14.65 47.57
CA PRO A 405 -16.50 13.45 46.97
C PRO A 405 -17.08 12.45 47.98
N ARG A 406 -18.21 11.77 47.63
CA ARG A 406 -18.91 10.77 48.45
C ARG A 406 -18.07 9.56 48.76
N VAL A 407 -18.26 8.98 49.95
CA VAL A 407 -17.55 7.76 50.33
C VAL A 407 -18.35 6.56 49.83
N LYS A 408 -19.66 6.56 50.09
CA LYS A 408 -20.58 5.48 49.75
C LYS A 408 -21.57 5.89 48.64
N VAL A 409 -22.17 4.92 47.95
CA VAL A 409 -23.10 5.18 46.86
C VAL A 409 -24.46 5.78 47.28
N GLY A 410 -25.16 5.12 48.22
CA GLY A 410 -26.47 5.58 48.64
C GLY A 410 -26.49 6.65 49.72
N ASN A 411 -25.33 7.23 50.02
CA ASN A 411 -25.20 8.25 51.07
C ASN A 411 -24.44 9.51 50.60
N GLU A 412 -25.14 10.66 50.54
CA GLU A 412 -24.53 11.93 50.14
C GLU A 412 -23.96 12.75 51.30
N TYR A 413 -24.07 12.27 52.54
CA TYR A 413 -23.61 13.01 53.71
C TYR A 413 -22.19 12.63 54.14
N VAL A 414 -21.79 11.37 53.92
CA VAL A 414 -20.45 10.92 54.27
C VAL A 414 -19.52 11.22 53.08
N THR A 415 -18.64 12.22 53.25
CA THR A 415 -17.70 12.65 52.21
C THR A 415 -16.25 12.68 52.70
N LYS A 416 -15.31 12.49 51.78
CA LYS A 416 -13.87 12.54 52.09
C LYS A 416 -13.36 13.91 51.67
N GLY A 417 -12.39 14.42 52.40
CA GLY A 417 -11.76 15.69 52.03
C GLY A 417 -10.77 15.52 50.89
N GLN A 418 -10.36 16.63 50.26
CA GLN A 418 -9.40 16.60 49.16
C GLN A 418 -8.46 17.77 49.32
N THR A 419 -7.16 17.52 49.21
CA THR A 419 -6.16 18.58 49.24
C THR A 419 -6.21 19.35 47.89
N VAL A 420 -5.47 20.47 47.75
CA VAL A 420 -5.45 21.22 46.49
C VAL A 420 -4.82 20.37 45.36
N GLN A 421 -3.74 19.65 45.67
CA GLN A 421 -3.09 18.80 44.68
C GLN A 421 -4.00 17.66 44.24
N GLN A 422 -4.81 17.10 45.15
CA GLN A 422 -5.73 16.02 44.79
C GLN A 422 -6.82 16.51 43.83
N VAL A 423 -7.33 17.73 44.08
CA VAL A 423 -8.36 18.33 43.23
C VAL A 423 -7.79 18.58 41.85
N TYR A 424 -6.60 19.19 41.75
CA TYR A 424 -5.97 19.45 40.45
C TYR A 424 -5.76 18.17 39.65
N ASN A 425 -5.35 17.11 40.34
CA ASN A 425 -5.12 15.81 39.73
C ASN A 425 -6.42 15.22 39.24
N SER A 426 -7.48 15.32 40.05
CA SER A 426 -8.76 14.80 39.65
C SER A 426 -9.32 15.55 38.47
N VAL A 427 -9.15 16.89 38.44
CA VAL A 427 -9.61 17.75 37.34
C VAL A 427 -8.91 17.33 36.04
N GLY A 428 -7.62 17.02 36.12
CA GLY A 428 -6.86 16.56 34.98
C GLY A 428 -7.39 15.24 34.46
N ALA A 429 -7.63 14.29 35.37
CA ALA A 429 -8.18 12.97 35.07
C ALA A 429 -9.57 13.07 34.43
N LEU A 430 -10.42 13.96 34.91
CA LEU A 430 -11.75 14.12 34.36
C LEU A 430 -11.68 14.69 32.96
N ALA A 431 -10.84 15.71 32.74
CA ALA A 431 -10.72 16.32 31.41
C ALA A 431 -10.24 15.29 30.37
N LYS A 432 -9.28 14.43 30.75
CA LYS A 432 -8.76 13.36 29.91
C LYS A 432 -9.84 12.33 29.64
N ALA A 433 -10.62 11.93 30.66
CA ALA A 433 -11.68 10.95 30.51
C ALA A 433 -12.74 11.45 29.55
N VAL A 434 -13.19 12.72 29.69
CA VAL A 434 -14.19 13.28 28.77
C VAL A 434 -13.67 13.26 27.33
N TYR A 435 -12.45 13.75 27.12
CA TYR A 435 -11.83 13.80 25.81
C TYR A 435 -11.70 12.41 25.20
N GLU A 436 -11.13 11.45 25.94
CA GLU A 436 -10.93 10.09 25.46
C GLU A 436 -12.25 9.40 25.16
N LYS A 437 -13.24 9.53 26.05
CA LYS A 437 -14.54 8.90 25.83
C LYS A 437 -15.26 9.51 24.60
N MET A 438 -15.09 10.82 24.38
CA MET A 438 -15.67 11.51 23.23
C MET A 438 -14.99 10.98 21.97
N PHE A 439 -13.66 10.78 22.01
CA PHE A 439 -12.91 10.23 20.89
C PHE A 439 -13.43 8.84 20.55
N LEU A 440 -13.62 7.97 21.57
CA LEU A 440 -14.17 6.62 21.36
C LEU A 440 -15.63 6.62 20.83
N TRP A 441 -16.45 7.59 21.31
CA TRP A 441 -17.84 7.77 20.89
C TRP A 441 -17.91 8.19 19.43
N MET A 442 -16.97 9.05 18.97
CA MET A 442 -16.90 9.47 17.58
C MET A 442 -16.61 8.27 16.68
N VAL A 443 -15.72 7.37 17.11
CA VAL A 443 -15.39 6.16 16.39
C VAL A 443 -16.64 5.26 16.30
N THR A 444 -17.37 5.09 17.43
CA THR A 444 -18.62 4.32 17.50
C THR A 444 -19.62 4.87 16.49
N ARG A 445 -19.75 6.20 16.44
CA ARG A 445 -20.67 6.89 15.55
C ARG A 445 -20.28 6.68 14.10
N ILE A 446 -18.98 6.86 13.78
CA ILE A 446 -18.47 6.64 12.43
C ILE A 446 -18.78 5.20 11.98
N ASN A 447 -18.55 4.21 12.86
CA ASN A 447 -18.84 2.82 12.59
C ASN A 447 -20.31 2.53 12.32
N GLN A 448 -21.24 3.22 12.99
CA GLN A 448 -22.67 3.06 12.74
C GLN A 448 -23.02 3.52 11.33
N GLN A 449 -22.38 4.61 10.86
CA GLN A 449 -22.57 5.18 9.52
C GLN A 449 -21.95 4.27 8.47
N LEU A 450 -20.79 3.67 8.77
CA LEU A 450 -20.11 2.76 7.85
C LEU A 450 -20.76 1.35 7.76
N ASP A 451 -21.57 0.97 8.76
CA ASP A 451 -22.27 -0.32 8.77
C ASP A 451 -23.50 -0.25 7.90
N THR A 452 -23.36 -0.56 6.63
CA THR A 452 -24.49 -0.51 5.68
C THR A 452 -25.50 -1.66 5.86
N LYS A 453 -25.19 -2.64 6.71
CA LYS A 453 -25.94 -3.87 6.93
C LYS A 453 -25.94 -4.80 5.71
N GLN A 454 -25.09 -4.51 4.69
CA GLN A 454 -24.93 -5.36 3.51
C GLN A 454 -24.29 -6.70 3.92
N PRO A 455 -24.57 -7.77 3.17
CA PRO A 455 -23.89 -9.05 3.45
C PRO A 455 -22.40 -8.93 3.10
N ARG A 456 -21.54 -9.48 3.97
CA ARG A 456 -20.10 -9.40 3.76
C ARG A 456 -19.45 -10.78 3.89
N GLN A 457 -18.50 -11.10 2.99
CA GLN A 457 -17.80 -12.39 3.01
C GLN A 457 -16.36 -12.30 3.51
N TYR A 458 -15.61 -11.32 3.00
CA TYR A 458 -14.19 -11.13 3.37
C TYR A 458 -13.88 -9.66 3.64
N PHE A 459 -12.68 -9.35 4.16
CA PHE A 459 -12.26 -7.99 4.39
C PHE A 459 -10.77 -7.80 4.12
N ILE A 460 -10.34 -6.55 3.97
CA ILE A 460 -8.96 -6.18 3.84
C ILE A 460 -8.73 -5.14 4.95
N GLY A 461 -7.89 -5.47 5.92
CA GLY A 461 -7.57 -4.55 7.01
C GLY A 461 -6.31 -3.74 6.75
N VAL A 462 -6.30 -2.46 7.08
CA VAL A 462 -5.12 -1.60 6.90
C VAL A 462 -4.71 -1.14 8.29
N LEU A 463 -3.50 -1.53 8.74
CA LEU A 463 -3.02 -1.17 10.05
C LEU A 463 -2.13 0.06 10.01
N ASP A 464 -2.47 1.06 10.84
CA ASP A 464 -1.75 2.33 11.01
C ASP A 464 -1.48 2.61 12.51
N ILE A 465 -0.37 2.08 13.04
CA ILE A 465 -0.01 2.30 14.45
C ILE A 465 0.88 3.55 14.59
N ALA A 466 1.05 4.06 15.83
CA ALA A 466 1.99 5.14 16.07
C ALA A 466 3.38 4.49 15.96
N GLY A 467 4.26 5.10 15.17
CA GLY A 467 5.60 4.58 14.88
C GLY A 467 6.63 4.79 15.96
N PHE A 468 7.75 4.02 15.85
CA PHE A 468 8.86 4.04 16.79
C PHE A 468 9.38 5.46 16.99
N GLU A 469 9.43 5.91 18.26
CA GLU A 469 9.91 7.25 18.54
C GLU A 469 10.89 7.35 19.67
N ILE A 470 11.88 8.22 19.47
CA ILE A 470 12.84 8.55 20.50
C ILE A 470 12.81 10.06 20.74
N PHE A 471 12.41 10.47 21.94
CA PHE A 471 12.36 11.86 22.36
C PHE A 471 13.48 12.12 23.37
N ASP A 472 13.67 13.39 23.79
CA ASP A 472 14.62 13.67 24.88
C ASP A 472 14.12 13.04 26.20
N PHE A 473 12.79 13.00 26.37
CA PHE A 473 12.15 12.40 27.51
C PHE A 473 11.21 11.31 27.05
N ASN A 474 11.46 10.06 27.46
CA ASN A 474 10.63 8.91 27.09
C ASN A 474 9.94 8.35 28.31
N SER A 475 8.59 8.37 28.28
CA SER A 475 7.76 7.89 29.39
C SER A 475 6.99 6.59 29.03
N LEU A 476 6.00 6.21 29.84
CA LEU A 476 5.27 4.97 29.63
C LEU A 476 4.59 4.90 28.26
N GLU A 477 4.18 6.06 27.72
CA GLU A 477 3.58 6.17 26.39
C GLU A 477 4.57 5.69 25.34
N GLN A 478 5.84 6.17 25.39
CA GLN A 478 6.89 5.78 24.44
C GLN A 478 7.24 4.31 24.56
N LEU A 479 7.21 3.74 25.77
CA LEU A 479 7.51 2.32 25.93
C LEU A 479 6.45 1.48 25.21
N CYS A 480 5.17 1.82 25.39
CA CYS A 480 4.11 1.08 24.74
C CYS A 480 4.14 1.22 23.25
N ILE A 481 4.40 2.44 22.74
CA ILE A 481 4.52 2.67 21.31
C ILE A 481 5.69 1.87 20.71
N ASN A 482 6.87 1.98 21.31
CA ASN A 482 8.05 1.26 20.84
C ASN A 482 7.90 -0.25 20.98
N PHE A 483 7.16 -0.73 21.98
CA PHE A 483 6.90 -2.17 22.13
C PHE A 483 5.98 -2.67 21.04
N THR A 484 4.94 -1.88 20.71
CA THR A 484 4.00 -2.19 19.63
C THR A 484 4.75 -2.39 18.30
N ASN A 485 5.76 -1.52 18.06
CA ASN A 485 6.63 -1.56 16.90
C ASN A 485 7.50 -2.79 16.90
N GLU A 486 8.00 -3.17 18.08
CA GLU A 486 8.78 -4.39 18.17
C GLU A 486 7.93 -5.62 17.88
N LYS A 487 6.71 -5.69 18.43
CA LYS A 487 5.82 -6.80 18.18
C LYS A 487 5.48 -6.92 16.67
N LEU A 488 5.28 -5.77 16.02
CA LEU A 488 4.98 -5.74 14.60
C LEU A 488 6.20 -6.12 13.76
N GLN A 489 7.42 -5.74 14.18
CA GLN A 489 8.62 -6.17 13.46
C GLN A 489 8.77 -7.68 13.56
N GLN A 490 8.48 -8.24 14.74
CA GLN A 490 8.54 -9.68 14.97
C GLN A 490 7.46 -10.43 14.19
N PHE A 491 6.31 -9.78 13.93
CA PHE A 491 5.27 -10.36 13.08
C PHE A 491 5.79 -10.47 11.65
N PHE A 492 6.49 -9.45 11.15
CA PHE A 492 7.14 -9.48 9.83
C PHE A 492 8.20 -10.57 9.82
N ASN A 493 9.00 -10.67 10.87
CA ASN A 493 10.05 -11.69 10.95
C ASN A 493 9.48 -13.13 10.90
N HIS A 494 8.40 -13.37 11.64
CA HIS A 494 7.81 -14.68 11.69
C HIS A 494 7.20 -15.04 10.34
N HIS A 495 6.47 -14.08 9.75
CA HIS A 495 5.87 -14.32 8.45
C HIS A 495 6.94 -14.59 7.37
N MET A 496 7.92 -13.69 7.23
CA MET A 496 8.97 -13.81 6.21
C MET A 496 9.94 -14.93 6.38
N PHE A 497 10.44 -15.14 7.62
CA PHE A 497 11.51 -16.13 7.83
C PHE A 497 11.10 -17.42 8.49
N VAL A 498 9.86 -17.57 8.90
CA VAL A 498 9.42 -18.82 9.51
C VAL A 498 8.25 -19.41 8.75
N LEU A 499 7.08 -18.73 8.70
CA LEU A 499 5.92 -19.26 7.99
C LEU A 499 6.16 -19.46 6.52
N GLU A 500 6.99 -18.61 5.90
CA GLU A 500 7.30 -18.74 4.50
C GLU A 500 8.03 -20.07 4.23
N GLN A 501 8.99 -20.47 5.08
CA GLN A 501 9.73 -21.73 4.92
C GLN A 501 8.83 -22.93 5.16
N GLU A 502 7.91 -22.81 6.12
CA GLU A 502 6.95 -23.86 6.39
C GLU A 502 5.95 -24.01 5.25
N GLU A 503 5.64 -22.92 4.54
CA GLU A 503 4.74 -22.94 3.40
C GLU A 503 5.30 -23.82 2.30
N TYR A 504 6.62 -23.81 2.10
CA TYR A 504 7.27 -24.66 1.09
C TYR A 504 7.13 -26.12 1.48
N LYS A 505 7.36 -26.44 2.76
CA LYS A 505 7.25 -27.82 3.25
C LYS A 505 5.80 -28.30 3.18
N LYS A 506 4.85 -27.44 3.55
CA LYS A 506 3.41 -27.74 3.52
C LYS A 506 2.95 -28.14 2.10
N GLU A 507 3.50 -27.46 1.09
CA GLU A 507 3.16 -27.75 -0.31
C GLU A 507 4.02 -28.83 -0.96
N GLY A 508 4.86 -29.50 -0.19
CA GLY A 508 5.70 -30.57 -0.70
C GLY A 508 6.92 -30.15 -1.49
N ILE A 509 7.23 -28.86 -1.56
CA ILE A 509 8.41 -28.38 -2.29
C ILE A 509 9.68 -28.80 -1.53
N GLU A 510 10.74 -29.21 -2.25
CA GLU A 510 12.00 -29.59 -1.61
C GLU A 510 12.64 -28.36 -1.02
N TRP A 511 12.85 -28.39 0.29
CA TRP A 511 13.38 -27.23 0.98
C TRP A 511 14.10 -27.67 2.23
N THR A 512 15.30 -27.15 2.42
CA THR A 512 16.11 -27.41 3.61
C THR A 512 16.02 -26.14 4.44
N PHE A 513 15.58 -26.23 5.69
CA PHE A 513 15.42 -25.05 6.54
C PHE A 513 16.66 -24.24 6.72
N ILE A 514 16.52 -22.92 6.77
CA ILE A 514 17.63 -21.99 6.96
C ILE A 514 17.30 -21.16 8.19
N ASP A 515 18.31 -20.84 9.04
CA ASP A 515 18.05 -19.94 10.16
C ASP A 515 18.55 -18.55 9.77
N PHE A 516 17.62 -17.61 9.59
CA PHE A 516 17.96 -16.25 9.21
C PHE A 516 18.42 -15.36 10.37
N GLY A 517 18.20 -15.81 11.60
CA GLY A 517 18.61 -15.06 12.80
C GLY A 517 17.89 -13.75 12.98
N MET A 518 16.63 -13.68 12.50
CA MET A 518 15.77 -12.52 12.61
C MET A 518 14.72 -12.83 13.68
N ASP A 519 15.04 -12.51 14.93
CA ASP A 519 14.18 -12.85 16.06
C ASP A 519 14.38 -11.87 17.19
N LEU A 520 13.31 -11.17 17.55
CA LEU A 520 13.33 -10.17 18.61
C LEU A 520 12.78 -10.69 19.94
N ALA A 521 12.73 -12.01 20.14
CA ALA A 521 12.20 -12.59 21.35
C ALA A 521 12.86 -12.12 22.63
N ALA A 522 14.17 -11.82 22.60
CA ALA A 522 14.88 -11.34 23.79
C ALA A 522 14.28 -10.05 24.38
N CYS A 523 13.99 -9.07 23.53
CA CYS A 523 13.41 -7.83 24.01
C CYS A 523 11.94 -7.96 24.31
N ILE A 524 11.22 -8.75 23.50
CA ILE A 524 9.80 -8.97 23.71
C ILE A 524 9.56 -9.69 25.04
N GLU A 525 10.36 -10.71 25.37
CA GLU A 525 10.22 -11.44 26.63
C GLU A 525 10.46 -10.51 27.81
N LEU A 526 11.49 -9.67 27.71
CA LEU A 526 11.84 -8.73 28.75
C LEU A 526 10.67 -7.81 29.12
N ILE A 527 9.91 -7.39 28.12
CA ILE A 527 8.79 -6.48 28.33
C ILE A 527 7.47 -7.16 28.72
N GLU A 528 7.04 -8.21 27.98
CA GLU A 528 5.73 -8.87 28.14
C GLU A 528 5.65 -10.23 28.89
N LYS A 529 6.77 -10.89 29.20
CA LYS A 529 6.72 -12.16 29.92
C LYS A 529 6.30 -11.91 31.40
N PRO A 530 5.67 -12.88 32.12
CA PRO A 530 5.44 -12.67 33.56
C PRO A 530 6.79 -12.49 34.24
N MET A 531 6.87 -11.53 35.17
CA MET A 531 8.09 -11.09 35.82
C MET A 531 8.92 -10.13 34.94
N GLY A 532 8.36 -9.70 33.79
CA GLY A 532 8.97 -8.71 32.90
C GLY A 532 8.63 -7.29 33.32
N ILE A 533 8.97 -6.29 32.51
CA ILE A 533 8.72 -4.88 32.86
C ILE A 533 7.24 -4.56 33.14
N PHE A 534 6.31 -4.91 32.22
CA PHE A 534 4.89 -4.64 32.46
C PHE A 534 4.38 -5.43 33.66
N SER A 535 4.83 -6.68 33.84
CA SER A 535 4.43 -7.50 34.98
C SER A 535 4.85 -6.88 36.32
N ILE A 536 6.05 -6.30 36.38
CA ILE A 536 6.53 -5.65 37.60
C ILE A 536 5.73 -4.37 37.84
N LEU A 537 5.50 -3.57 36.78
CA LEU A 537 4.73 -2.33 36.87
C LEU A 537 3.32 -2.60 37.37
N GLU A 538 2.64 -3.62 36.80
CA GLU A 538 1.28 -4.01 37.15
C GLU A 538 1.18 -4.53 38.58
N GLU A 539 2.23 -5.24 39.03
CA GLU A 539 2.33 -5.77 40.38
C GLU A 539 2.46 -4.62 41.37
N GLU A 540 3.33 -3.64 41.09
CA GLU A 540 3.51 -2.49 41.97
C GLU A 540 2.30 -1.59 42.05
N CYS A 541 1.46 -1.58 41.02
CA CYS A 541 0.23 -0.79 41.02
C CYS A 541 -0.75 -1.24 42.12
N MET A 542 -0.69 -2.52 42.53
CA MET A 542 -1.61 -3.05 43.54
C MET A 542 -1.15 -2.84 44.98
N PHE A 543 -0.13 -2.03 45.21
CA PHE A 543 0.35 -1.74 46.55
C PHE A 543 0.23 -0.25 46.78
N PRO A 544 -0.64 0.20 47.68
CA PRO A 544 -0.77 1.65 47.92
C PRO A 544 0.48 2.33 48.50
N LYS A 545 1.34 1.55 49.17
CA LYS A 545 2.60 2.10 49.70
C LYS A 545 3.68 2.28 48.61
N ALA A 546 3.49 1.68 47.39
CA ALA A 546 4.48 1.73 46.32
C ALA A 546 4.79 3.13 45.80
N THR A 547 6.07 3.37 45.49
CA THR A 547 6.58 4.65 44.98
C THR A 547 7.37 4.42 43.68
N ASP A 548 7.76 5.49 42.98
CA ASP A 548 8.55 5.38 41.75
C ASP A 548 9.88 4.67 42.01
N THR A 549 10.47 4.93 43.20
CA THR A 549 11.74 4.34 43.58
C THR A 549 11.60 2.85 43.87
N SER A 550 10.56 2.39 44.59
CA SER A 550 10.39 0.96 44.81
C SER A 550 10.16 0.20 43.51
N PHE A 551 9.51 0.85 42.52
CA PHE A 551 9.31 0.26 41.19
C PHE A 551 10.67 0.17 40.47
N LYS A 552 11.46 1.26 40.48
CA LYS A 552 12.80 1.30 39.87
C LYS A 552 13.69 0.20 40.46
N ASN A 553 13.63 0.04 41.79
CA ASN A 553 14.41 -0.98 42.49
C ASN A 553 14.03 -2.39 42.08
N LYS A 554 12.74 -2.72 41.98
CA LYS A 554 12.33 -4.07 41.55
C LYS A 554 12.80 -4.36 40.15
N LEU A 555 12.72 -3.37 39.23
CA LEU A 555 13.18 -3.52 37.84
C LEU A 555 14.66 -3.88 37.82
N TYR A 556 15.47 -3.14 38.60
CA TYR A 556 16.90 -3.37 38.67
C TYR A 556 17.21 -4.72 39.26
N GLU A 557 16.58 -5.08 40.38
CA GLU A 557 16.80 -6.35 41.07
C GLU A 557 16.64 -7.61 40.23
N GLN A 558 15.67 -7.67 39.27
CA GLN A 558 15.51 -8.89 38.49
C GLN A 558 15.73 -8.75 37.00
N HIS A 559 16.28 -7.61 36.53
CA HIS A 559 16.55 -7.44 35.10
C HIS A 559 17.91 -6.89 34.80
N LEU A 560 18.49 -6.08 35.72
CA LEU A 560 19.81 -5.51 35.48
C LEU A 560 20.86 -6.61 35.60
N GLY A 561 21.70 -6.72 34.57
CA GLY A 561 22.72 -7.75 34.51
C GLY A 561 22.23 -9.16 34.29
N LYS A 562 20.93 -9.35 34.18
CA LYS A 562 20.31 -10.65 33.94
C LYS A 562 19.75 -10.73 32.51
N SER A 563 19.45 -9.57 31.87
CA SER A 563 18.96 -9.46 30.50
C SER A 563 19.88 -8.50 29.72
N ASN A 564 20.38 -8.91 28.53
CA ASN A 564 21.26 -8.07 27.72
C ASN A 564 20.58 -6.83 27.12
N ASN A 565 19.26 -6.90 26.95
CA ASN A 565 18.48 -5.79 26.41
C ASN A 565 18.09 -4.74 27.46
N PHE A 566 18.33 -5.03 28.77
CA PHE A 566 18.02 -4.11 29.86
C PHE A 566 19.33 -3.54 30.37
N GLN A 567 19.57 -2.25 30.13
CA GLN A 567 20.82 -1.59 30.52
C GLN A 567 20.57 -0.33 31.36
N LYS A 568 21.62 0.19 32.01
CA LYS A 568 21.56 1.45 32.76
C LYS A 568 22.06 2.56 31.80
N PRO A 569 21.47 3.77 31.81
CA PRO A 569 21.97 4.83 30.91
C PRO A 569 23.33 5.30 31.41
N LYS A 570 24.35 5.46 30.53
CA LYS A 570 25.68 5.91 31.02
C LYS A 570 25.76 7.46 31.37
N PRO A 571 25.47 8.42 30.44
CA PRO A 571 25.59 9.84 30.81
C PRO A 571 24.32 10.39 31.46
N GLU A 577 17.08 13.36 33.70
CA GLU A 577 17.88 12.18 33.39
C GLU A 577 17.03 10.89 33.30
N ALA A 578 17.54 9.81 32.66
CA ALA A 578 16.80 8.55 32.51
C ALA A 578 17.07 7.54 33.64
N HIS A 579 16.23 6.49 33.78
CA HIS A 579 16.38 5.44 34.79
C HIS A 579 16.84 4.10 34.20
N PHE A 580 16.34 3.75 33.01
CA PHE A 580 16.78 2.52 32.37
C PHE A 580 16.80 2.68 30.84
N SER A 581 17.59 1.86 30.16
CA SER A 581 17.68 1.86 28.70
C SER A 581 17.29 0.48 28.20
N LEU A 582 16.48 0.41 27.12
CA LEU A 582 16.14 -0.84 26.47
C LEU A 582 16.73 -0.84 25.09
N VAL A 583 17.35 -1.95 24.68
CA VAL A 583 17.88 -2.02 23.32
C VAL A 583 16.76 -2.56 22.43
N HIS A 584 16.02 -1.64 21.79
CA HIS A 584 14.92 -2.04 20.90
C HIS A 584 15.48 -2.46 19.54
N TYR A 585 14.66 -3.03 18.67
CA TYR A 585 15.09 -3.42 17.32
C TYR A 585 15.63 -2.19 16.53
N ALA A 586 15.06 -0.99 16.76
CA ALA A 586 15.41 0.25 16.05
C ALA A 586 16.37 1.19 16.79
N GLY A 587 16.93 0.75 17.91
CA GLY A 587 17.85 1.57 18.69
C GLY A 587 17.65 1.49 20.20
N THR A 588 18.63 1.98 20.96
CA THR A 588 18.55 1.99 22.42
C THR A 588 17.80 3.21 22.91
N VAL A 589 16.75 3.00 23.70
CA VAL A 589 15.93 4.10 24.18
C VAL A 589 16.05 4.26 25.68
N ASP A 590 16.31 5.48 26.14
CA ASP A 590 16.41 5.77 27.56
C ASP A 590 15.03 6.15 28.09
N TYR A 591 14.50 5.37 29.05
CA TYR A 591 13.19 5.62 29.64
C TYR A 591 13.31 6.21 31.02
N ASN A 592 12.33 7.03 31.38
CA ASN A 592 12.22 7.64 32.70
C ASN A 592 10.93 7.07 33.34
N ILE A 593 11.02 6.51 34.56
CA ILE A 593 9.87 5.89 35.21
C ILE A 593 9.03 6.84 36.12
N THR A 594 9.30 8.16 36.11
CA THR A 594 8.50 9.12 36.90
C THR A 594 7.00 9.00 36.56
N GLY A 595 6.20 8.85 37.60
CA GLY A 595 4.75 8.76 37.55
C GLY A 595 4.14 7.59 36.81
N TRP A 596 4.91 6.51 36.57
CA TRP A 596 4.40 5.35 35.83
C TRP A 596 3.33 4.63 36.61
N LEU A 597 3.42 4.59 37.95
CA LEU A 597 2.39 3.98 38.80
C LEU A 597 1.06 4.74 38.67
N ASP A 598 1.12 6.09 38.66
CA ASP A 598 -0.06 6.96 38.50
C ASP A 598 -0.64 6.87 37.08
N LYS A 599 0.23 6.76 36.08
CA LYS A 599 -0.20 6.65 34.70
C LYS A 599 -0.88 5.32 34.46
N ASN A 600 -0.50 4.27 35.19
CA ASN A 600 -1.06 2.95 34.95
C ASN A 600 -2.42 2.69 35.63
N LYS A 601 -2.89 3.63 36.45
CA LYS A 601 -4.20 3.50 37.10
C LYS A 601 -5.13 4.57 36.54
N ASP A 602 -6.41 4.23 36.40
CA ASP A 602 -7.41 5.13 35.82
C ASP A 602 -8.51 5.55 36.79
N PRO A 603 -8.17 6.20 37.92
CA PRO A 603 -9.22 6.55 38.88
C PRO A 603 -9.89 7.87 38.57
N LEU A 604 -11.22 7.91 38.74
CA LEU A 604 -11.98 9.12 38.50
C LEU A 604 -12.74 9.52 39.77
N ASN A 605 -13.10 10.81 39.88
CA ASN A 605 -13.92 11.26 41.00
C ASN A 605 -15.33 10.80 40.65
N GLU A 606 -15.82 9.75 41.31
CA GLU A 606 -17.14 9.19 41.00
C GLU A 606 -18.30 10.15 41.26
N THR A 607 -18.12 11.11 42.16
CA THR A 607 -19.15 12.10 42.47
C THR A 607 -19.35 13.03 41.27
N VAL A 608 -18.23 13.41 40.59
CA VAL A 608 -18.31 14.25 39.40
C VAL A 608 -18.91 13.46 38.26
N VAL A 609 -18.55 12.18 38.13
CA VAL A 609 -19.10 11.29 37.11
C VAL A 609 -20.64 11.21 37.22
N GLY A 610 -21.15 11.18 38.46
CA GLY A 610 -22.57 11.19 38.72
C GLY A 610 -23.28 12.41 38.14
N LEU A 611 -22.61 13.57 38.16
CA LEU A 611 -23.14 14.81 37.60
C LEU A 611 -23.16 14.74 36.08
N TYR A 612 -22.11 14.15 35.47
CA TYR A 612 -22.06 14.00 34.01
C TYR A 612 -23.19 13.10 33.55
N GLN A 613 -23.46 12.01 34.28
CA GLN A 613 -24.53 11.08 33.95
C GLN A 613 -25.92 11.76 33.96
N LYS A 614 -26.10 12.75 34.85
CA LYS A 614 -27.36 13.52 35.00
C LYS A 614 -27.42 14.77 34.11
N SER A 615 -26.38 15.05 33.30
CA SER A 615 -26.34 16.22 32.43
C SER A 615 -27.48 16.29 31.42
N ALA A 616 -27.97 17.51 31.15
CA ALA A 616 -28.98 17.77 30.11
C ALA A 616 -28.36 17.62 28.72
N MET A 617 -27.02 17.73 28.60
CA MET A 617 -26.30 17.52 27.36
C MET A 617 -26.31 16.00 27.15
N LYS A 618 -27.14 15.51 26.23
CA LYS A 618 -27.30 14.08 26.02
C LYS A 618 -26.01 13.37 25.65
N THR A 619 -25.10 14.04 24.92
CA THR A 619 -23.85 13.37 24.52
C THR A 619 -22.94 13.11 25.73
N LEU A 620 -22.78 14.11 26.61
CA LEU A 620 -21.96 13.96 27.81
C LEU A 620 -22.53 12.88 28.73
N ALA A 621 -23.88 12.86 28.89
CA ALA A 621 -24.52 11.87 29.74
C ALA A 621 -24.26 10.45 29.20
N PHE A 622 -24.28 10.30 27.89
CA PHE A 622 -24.02 9.03 27.22
C PHE A 622 -22.57 8.50 27.42
N LEU A 623 -21.59 9.39 27.39
CA LEU A 623 -20.17 9.01 27.54
C LEU A 623 -19.89 8.31 28.87
N PHE A 624 -20.67 8.64 29.92
CA PHE A 624 -20.45 8.09 31.26
C PHE A 624 -21.57 7.16 31.74
N THR A 625 -22.41 6.64 30.83
CA THR A 625 -23.50 5.75 31.21
C THR A 625 -23.20 4.36 30.69
N SER A 646 -12.26 -3.25 32.12
CA SER A 646 -12.46 -4.54 32.79
C SER A 646 -11.18 -5.11 33.43
N PHE A 647 -9.99 -4.58 33.04
CA PHE A 647 -8.68 -4.95 33.59
C PHE A 647 -8.35 -4.10 34.84
N GLN A 648 -7.32 -4.49 35.59
CA GLN A 648 -6.97 -3.79 36.81
C GLN A 648 -6.03 -2.57 36.58
N THR A 649 -5.31 -2.54 35.44
CA THR A 649 -4.36 -1.47 35.06
C THR A 649 -4.55 -1.08 33.58
N VAL A 650 -4.02 0.10 33.17
CA VAL A 650 -4.11 0.56 31.79
C VAL A 650 -3.21 -0.30 30.88
N SER A 651 -1.99 -0.66 31.35
CA SER A 651 -1.06 -1.47 30.56
C SER A 651 -1.57 -2.88 30.28
N ALA A 652 -2.38 -3.45 31.18
CA ALA A 652 -2.95 -4.78 30.96
C ALA A 652 -3.94 -4.71 29.80
N LEU A 653 -4.74 -3.62 29.74
CA LEU A 653 -5.69 -3.38 28.66
C LEU A 653 -4.91 -3.20 27.35
N PHE A 654 -3.82 -2.41 27.41
CA PHE A 654 -2.91 -2.17 26.28
C PHE A 654 -2.42 -3.51 25.73
N ARG A 655 -1.88 -4.38 26.60
CA ARG A 655 -1.35 -5.68 26.19
C ARG A 655 -2.42 -6.55 25.56
N GLU A 656 -3.63 -6.53 26.11
CA GLU A 656 -4.72 -7.31 25.55
C GLU A 656 -5.11 -6.79 24.15
N ASN A 657 -5.19 -5.45 23.95
CA ASN A 657 -5.53 -4.87 22.63
C ASN A 657 -4.48 -5.31 21.60
N LEU A 658 -3.20 -5.28 22.02
CA LEU A 658 -2.06 -5.66 21.22
C LEU A 658 -2.11 -7.13 20.91
N ASN A 659 -2.36 -7.99 21.91
CA ASN A 659 -2.44 -9.44 21.73
C ASN A 659 -3.60 -9.83 20.83
N LYS A 660 -4.76 -9.17 21.00
CA LYS A 660 -5.92 -9.44 20.17
C LYS A 660 -5.59 -9.05 18.71
N LEU A 661 -4.91 -7.90 18.50
CA LEU A 661 -4.52 -7.50 17.15
C LEU A 661 -3.60 -8.52 16.49
N MET A 662 -2.53 -8.94 17.18
CA MET A 662 -1.59 -9.92 16.65
C MET A 662 -2.29 -11.25 16.33
N THR A 663 -3.21 -11.70 17.19
CA THR A 663 -4.00 -12.92 16.97
C THR A 663 -4.86 -12.77 15.70
N ASN A 664 -5.55 -11.64 15.57
CA ASN A 664 -6.37 -11.35 14.40
C ASN A 664 -5.53 -11.34 13.12
N LEU A 665 -4.35 -10.68 13.16
CA LEU A 665 -3.48 -10.62 11.98
C LEU A 665 -3.01 -11.99 11.53
N ARG A 666 -2.84 -12.93 12.48
CA ARG A 666 -2.42 -14.30 12.16
C ARG A 666 -3.42 -14.98 11.22
N SER A 667 -4.71 -14.65 11.35
CA SER A 667 -5.74 -15.22 10.50
C SER A 667 -5.98 -14.46 9.21
N THR A 668 -5.01 -13.69 8.76
CA THR A 668 -5.10 -12.97 7.50
C THR A 668 -3.80 -13.22 6.70
N HIS A 669 -3.82 -12.87 5.42
CA HIS A 669 -2.64 -12.92 4.59
C HIS A 669 -2.07 -11.51 4.61
N PRO A 670 -0.94 -11.28 5.28
CA PRO A 670 -0.40 -9.93 5.37
C PRO A 670 0.41 -9.49 4.16
N HIS A 671 0.42 -8.17 3.91
CA HIS A 671 1.14 -7.51 2.82
C HIS A 671 1.91 -6.40 3.47
N PHE A 672 3.25 -6.45 3.44
CA PHE A 672 4.04 -5.45 4.19
C PHE A 672 4.56 -4.27 3.38
N VAL A 673 4.37 -3.07 3.89
CA VAL A 673 4.89 -1.86 3.26
C VAL A 673 5.85 -1.24 4.28
N ARG A 674 7.13 -1.12 3.93
CA ARG A 674 8.14 -0.62 4.84
C ARG A 674 8.45 0.83 4.52
N CYS A 675 8.02 1.75 5.40
CA CYS A 675 8.26 3.17 5.18
C CYS A 675 9.58 3.55 5.75
N ILE A 676 10.26 4.45 5.04
CA ILE A 676 11.58 4.93 5.36
C ILE A 676 11.65 6.43 5.28
N ILE A 677 12.26 7.08 6.29
CA ILE A 677 12.51 8.52 6.24
C ILE A 677 13.90 8.68 5.60
N PRO A 678 14.03 9.54 4.58
CA PRO A 678 15.36 9.75 3.97
C PRO A 678 16.31 10.65 4.80
N ASN A 679 15.73 11.63 5.53
CA ASN A 679 16.49 12.54 6.38
C ASN A 679 15.68 12.90 7.63
N GLU A 680 16.31 13.54 8.62
CA GLU A 680 15.61 13.93 9.83
C GLU A 680 15.21 15.42 9.85
N THR A 681 15.11 16.05 8.67
CA THR A 681 14.79 17.48 8.59
C THR A 681 13.56 17.77 7.69
N LYS A 682 12.80 16.73 7.30
CA LYS A 682 11.62 16.87 6.44
C LYS A 682 11.98 17.54 5.09
N THR A 683 13.22 17.33 4.62
CA THR A 683 13.69 17.95 3.40
C THR A 683 13.41 17.11 2.18
N PRO A 684 12.64 17.63 1.22
CA PRO A 684 12.33 16.84 0.03
C PRO A 684 13.58 16.54 -0.79
N GLY A 685 13.73 15.28 -1.18
CA GLY A 685 14.82 14.83 -2.03
C GLY A 685 16.17 14.53 -1.40
N ALA A 686 16.43 15.02 -0.19
CA ALA A 686 17.73 14.80 0.48
C ALA A 686 17.79 13.43 1.18
N MET A 687 18.87 12.67 1.00
CA MET A 687 18.97 11.34 1.62
C MET A 687 20.27 11.15 2.43
N GLU A 688 20.18 10.99 3.77
CA GLU A 688 21.35 10.71 4.62
C GLU A 688 21.60 9.21 4.56
N HIS A 689 22.73 8.79 3.99
CA HIS A 689 23.01 7.37 3.79
C HIS A 689 22.95 6.50 5.04
N GLU A 690 23.55 6.93 6.17
CA GLU A 690 23.54 6.07 7.37
C GLU A 690 22.17 5.89 7.99
N LEU A 691 21.32 6.93 7.89
CA LEU A 691 19.96 6.88 8.41
C LEU A 691 19.16 5.83 7.62
N VAL A 692 19.28 5.83 6.29
CA VAL A 692 18.56 4.89 5.46
C VAL A 692 19.03 3.47 5.72
N LEU A 693 20.36 3.29 5.79
CA LEU A 693 20.96 1.98 6.05
C LEU A 693 20.50 1.45 7.39
N HIS A 694 20.41 2.33 8.41
CA HIS A 694 19.97 1.93 9.75
C HIS A 694 18.56 1.31 9.70
N GLN A 695 17.66 1.98 8.97
CA GLN A 695 16.29 1.57 8.80
C GLN A 695 16.21 0.26 8.03
N LEU A 696 16.96 0.13 6.91
CA LEU A 696 16.99 -1.10 6.12
C LEU A 696 17.44 -2.26 6.98
N ARG A 697 18.47 -2.04 7.82
CA ARG A 697 19.01 -3.06 8.71
C ARG A 697 18.02 -3.53 9.78
N CYS A 698 17.48 -2.61 10.62
CA CYS A 698 16.57 -3.03 11.69
C CYS A 698 15.24 -3.57 11.20
N ASN A 699 14.78 -3.16 9.99
CA ASN A 699 13.57 -3.68 9.35
C ASN A 699 13.77 -5.08 8.76
N GLY A 700 15.01 -5.46 8.49
CA GLY A 700 15.31 -6.75 7.90
C GLY A 700 14.96 -6.77 6.43
N VAL A 701 15.16 -5.64 5.75
CA VAL A 701 14.89 -5.54 4.33
C VAL A 701 15.80 -6.47 3.52
N LEU A 702 17.13 -6.42 3.70
CA LEU A 702 18.01 -7.29 2.93
C LEU A 702 17.82 -8.76 3.22
N GLU A 703 17.55 -9.11 4.49
CA GLU A 703 17.26 -10.49 4.90
C GLU A 703 15.97 -10.97 4.21
N GLY A 704 14.97 -10.09 4.14
CA GLY A 704 13.70 -10.37 3.47
C GLY A 704 13.87 -10.56 1.98
N ILE A 705 14.76 -9.77 1.36
CA ILE A 705 15.03 -9.92 -0.07
C ILE A 705 15.74 -11.26 -0.30
N ARG A 706 16.69 -11.63 0.60
CA ARG A 706 17.42 -12.90 0.53
C ARG A 706 16.51 -14.12 0.57
N ILE A 707 15.46 -14.13 1.42
CA ILE A 707 14.53 -15.26 1.46
C ILE A 707 13.70 -15.31 0.19
N CYS A 708 13.36 -14.16 -0.40
CA CYS A 708 12.62 -14.14 -1.67
C CYS A 708 13.53 -14.61 -2.84
N ARG A 709 14.84 -14.38 -2.74
CA ARG A 709 15.79 -14.83 -3.73
C ARG A 709 16.06 -16.34 -3.59
N LYS A 710 16.14 -16.83 -2.35
CA LYS A 710 16.39 -18.25 -2.10
C LYS A 710 15.11 -19.12 -2.29
N GLY A 711 13.98 -18.56 -1.90
CA GLY A 711 12.69 -19.23 -1.96
C GLY A 711 11.96 -19.05 -3.27
N PHE A 712 10.61 -19.09 -3.19
CA PHE A 712 9.69 -18.98 -4.32
C PHE A 712 8.64 -17.96 -3.93
N PRO A 713 8.89 -16.67 -4.22
CA PRO A 713 7.97 -15.63 -3.74
C PRO A 713 6.63 -15.55 -4.43
N SER A 714 6.47 -16.25 -5.58
CA SER A 714 5.21 -16.25 -6.33
C SER A 714 4.67 -17.66 -6.43
N ARG A 715 3.37 -17.83 -6.20
CA ARG A 715 2.70 -19.14 -6.23
C ARG A 715 1.30 -18.97 -6.84
N ILE A 716 0.92 -19.85 -7.77
CA ILE A 716 -0.40 -19.78 -8.40
C ILE A 716 -1.14 -21.13 -8.28
N LEU A 717 -2.45 -21.10 -7.98
CA LEU A 717 -3.25 -22.32 -7.92
C LEU A 717 -3.34 -22.89 -9.34
N TYR A 718 -3.22 -24.22 -9.50
CA TYR A 718 -3.21 -24.85 -10.83
C TYR A 718 -4.36 -24.46 -11.72
N ALA A 719 -5.56 -24.41 -11.18
CA ALA A 719 -6.74 -24.06 -11.95
C ALA A 719 -6.61 -22.64 -12.56
N ASP A 720 -6.10 -21.68 -11.74
CA ASP A 720 -5.86 -20.28 -12.09
C ASP A 720 -4.68 -20.13 -13.03
N PHE A 721 -3.67 -21.00 -12.92
CA PHE A 721 -2.53 -20.98 -13.82
C PHE A 721 -2.97 -21.38 -15.22
N LYS A 722 -3.66 -22.54 -15.34
CA LYS A 722 -4.16 -23.10 -16.60
C LYS A 722 -5.05 -22.11 -17.31
N GLN A 723 -5.93 -21.44 -16.55
CA GLN A 723 -6.87 -20.44 -17.03
C GLN A 723 -6.15 -19.19 -17.57
N ARG A 724 -5.09 -18.74 -16.89
CA ARG A 724 -4.36 -17.55 -17.33
C ARG A 724 -3.36 -17.79 -18.45
N TYR A 725 -2.57 -18.86 -18.37
CA TYR A 725 -1.47 -19.04 -19.30
C TYR A 725 -1.65 -20.09 -20.41
N LYS A 726 -2.88 -20.61 -20.63
CA LYS A 726 -3.10 -21.55 -21.75
C LYS A 726 -2.77 -20.86 -23.08
N VAL A 727 -3.11 -19.57 -23.19
CA VAL A 727 -2.84 -18.67 -24.31
C VAL A 727 -1.39 -18.84 -24.85
N LEU A 728 -0.40 -19.02 -23.96
CA LEU A 728 1.00 -19.16 -24.35
C LEU A 728 1.25 -20.30 -25.35
N ASN A 729 0.56 -21.41 -25.20
CA ASN A 729 0.70 -22.53 -26.11
C ASN A 729 -0.55 -23.41 -26.02
N ALA A 730 -1.67 -22.91 -26.57
CA ALA A 730 -2.94 -23.64 -26.53
C ALA A 730 -2.85 -25.08 -27.07
N SER A 731 -1.97 -25.34 -28.06
CA SER A 731 -1.83 -26.68 -28.61
C SER A 731 -1.27 -27.67 -27.62
N ALA A 732 -0.56 -27.21 -26.58
CA ALA A 732 -0.02 -28.10 -25.55
C ALA A 732 -1.13 -28.71 -24.70
N ILE A 733 -2.24 -28.01 -24.55
CA ILE A 733 -3.38 -28.47 -23.77
C ILE A 733 -4.61 -28.49 -24.70
N PRO A 734 -4.69 -29.45 -25.64
CA PRO A 734 -5.87 -29.47 -26.53
C PRO A 734 -7.16 -29.77 -25.79
N GLU A 735 -8.26 -29.23 -26.31
CA GLU A 735 -9.60 -29.36 -25.75
C GLU A 735 -10.07 -30.84 -25.68
N GLY A 736 -9.76 -31.62 -26.71
CA GLY A 736 -10.13 -33.03 -26.78
C GLY A 736 -9.67 -33.89 -25.61
N GLN A 737 -8.56 -33.53 -24.95
CA GLN A 737 -8.04 -34.27 -23.80
C GLN A 737 -8.69 -33.72 -22.58
N PHE A 738 -8.98 -34.59 -21.61
CA PHE A 738 -9.62 -34.12 -20.38
C PHE A 738 -8.66 -34.21 -19.20
N ILE A 739 -7.50 -33.54 -19.39
CA ILE A 739 -6.42 -33.49 -18.43
C ILE A 739 -6.76 -32.50 -17.30
N ASP A 740 -6.44 -32.87 -16.05
CA ASP A 740 -6.74 -32.00 -14.90
C ASP A 740 -5.84 -30.76 -14.89
N SER A 741 -6.26 -29.73 -14.14
CA SER A 741 -5.54 -28.48 -13.98
C SER A 741 -4.03 -28.63 -13.71
N LYS A 742 -3.63 -29.48 -12.73
CA LYS A 742 -2.23 -29.69 -12.38
C LYS A 742 -1.43 -30.28 -13.53
N LYS A 743 -1.94 -31.33 -14.18
CA LYS A 743 -1.24 -31.94 -15.31
C LYS A 743 -1.14 -30.97 -16.49
N ALA A 744 -2.21 -30.20 -16.76
CA ALA A 744 -2.19 -29.22 -17.83
C ALA A 744 -1.11 -28.15 -17.59
N SER A 745 -0.91 -27.73 -16.34
CA SER A 745 0.09 -26.73 -15.99
C SER A 745 1.51 -27.26 -16.24
N GLU A 746 1.74 -28.55 -15.90
CA GLU A 746 3.03 -29.22 -16.09
C GLU A 746 3.34 -29.26 -17.56
N LYS A 747 2.38 -29.71 -18.37
CA LYS A 747 2.52 -29.82 -19.80
C LYS A 747 2.75 -28.48 -20.47
N LEU A 748 2.07 -27.46 -19.98
CA LEU A 748 2.18 -26.13 -20.53
C LEU A 748 3.54 -25.52 -20.24
N LEU A 749 4.01 -25.59 -18.98
CA LEU A 749 5.32 -25.04 -18.62
C LEU A 749 6.46 -25.76 -19.32
N GLY A 750 6.29 -27.06 -19.51
CA GLY A 750 7.29 -27.86 -20.20
C GLY A 750 7.33 -27.65 -21.70
N SER A 751 6.32 -26.97 -22.26
CA SER A 751 6.26 -26.73 -23.69
C SER A 751 6.70 -25.31 -24.11
N ILE A 752 6.94 -24.40 -23.16
CA ILE A 752 7.32 -23.03 -23.50
C ILE A 752 8.80 -22.76 -23.22
N ASP A 753 9.36 -21.71 -23.88
CA ASP A 753 10.78 -21.41 -23.72
C ASP A 753 11.01 -20.65 -22.44
N VAL A 754 11.13 -21.41 -21.37
CA VAL A 754 11.30 -20.95 -20.00
C VAL A 754 12.38 -21.81 -19.33
N ASP A 755 13.13 -21.24 -18.36
CA ASP A 755 14.13 -22.00 -17.62
C ASP A 755 13.36 -22.95 -16.71
N HIS A 756 13.48 -24.25 -16.95
CA HIS A 756 12.66 -25.22 -16.22
C HIS A 756 13.09 -25.44 -14.74
N THR A 757 14.16 -24.79 -14.30
CA THR A 757 14.58 -24.84 -12.90
C THR A 757 13.93 -23.69 -12.06
N GLN A 758 13.28 -22.72 -12.70
CA GLN A 758 12.68 -21.59 -12.02
C GLN A 758 11.25 -21.83 -11.49
N TYR A 759 10.83 -23.08 -11.44
CA TYR A 759 9.52 -23.40 -10.91
C TYR A 759 9.52 -24.78 -10.32
N LYS A 760 8.66 -24.98 -9.33
CA LYS A 760 8.52 -26.25 -8.64
C LYS A 760 7.03 -26.54 -8.44
N PHE A 761 6.63 -27.80 -8.54
CA PHE A 761 5.23 -28.15 -8.37
C PHE A 761 4.82 -28.55 -6.95
N GLY A 762 3.97 -27.76 -6.34
CA GLY A 762 3.44 -28.09 -5.03
C GLY A 762 2.19 -28.92 -5.13
N HIS A 763 1.53 -29.20 -4.00
CA HIS A 763 0.32 -30.00 -4.02
C HIS A 763 -0.84 -29.27 -4.66
N THR A 764 -0.99 -27.99 -4.36
CA THR A 764 -2.13 -27.22 -4.87
C THR A 764 -1.73 -26.00 -5.73
N LYS A 765 -0.44 -25.63 -5.68
CA LYS A 765 0.07 -24.46 -6.39
C LYS A 765 1.40 -24.74 -7.04
N VAL A 766 1.69 -24.01 -8.13
CA VAL A 766 3.00 -24.02 -8.79
C VAL A 766 3.76 -22.85 -8.16
N PHE A 767 4.99 -23.10 -7.71
CA PHE A 767 5.83 -22.10 -7.06
C PHE A 767 6.86 -21.61 -8.04
N PHE A 768 7.06 -20.30 -8.09
CA PHE A 768 8.00 -19.70 -9.02
C PHE A 768 9.11 -18.95 -8.34
N LYS A 769 10.33 -19.06 -8.88
CA LYS A 769 11.46 -18.26 -8.44
C LYS A 769 11.18 -16.82 -8.92
N ALA A 770 11.75 -15.80 -8.22
CA ALA A 770 11.50 -14.41 -8.58
C ALA A 770 11.74 -14.10 -10.07
N GLY A 771 10.80 -13.37 -10.66
CA GLY A 771 10.92 -12.94 -12.05
C GLY A 771 10.29 -13.81 -13.10
N LEU A 772 10.05 -15.10 -12.79
CA LEU A 772 9.42 -16.00 -13.77
C LEU A 772 8.00 -15.56 -14.11
N LEU A 773 7.21 -15.12 -13.12
CA LEU A 773 5.88 -14.62 -13.42
C LEU A 773 5.89 -13.39 -14.29
N GLY A 774 6.90 -12.54 -14.13
CA GLY A 774 7.08 -11.37 -14.97
C GLY A 774 7.35 -11.78 -16.41
N LEU A 775 8.17 -12.82 -16.58
CA LEU A 775 8.47 -13.33 -17.89
C LEU A 775 7.22 -13.96 -18.50
N LEU A 776 6.45 -14.78 -17.74
CA LEU A 776 5.21 -15.38 -18.25
C LEU A 776 4.19 -14.33 -18.59
N GLU A 777 4.14 -13.25 -17.81
CA GLU A 777 3.21 -12.16 -18.02
C GLU A 777 3.59 -11.38 -19.28
N GLU A 778 4.91 -11.16 -19.49
CA GLU A 778 5.45 -10.49 -20.67
C GLU A 778 5.13 -11.31 -21.93
N MET A 779 5.34 -12.63 -21.89
CA MET A 779 4.99 -13.51 -23.00
C MET A 779 3.48 -13.49 -23.26
N ARG A 780 2.66 -13.42 -22.19
CA ARG A 780 1.21 -13.40 -22.34
C ARG A 780 0.76 -12.14 -23.05
N ASP A 781 1.31 -10.98 -22.65
CA ASP A 781 1.00 -9.70 -23.27
C ASP A 781 1.35 -9.72 -24.77
N ASP A 782 2.50 -10.32 -25.14
CA ASP A 782 2.95 -10.45 -26.53
C ASP A 782 2.05 -11.38 -27.33
N LYS A 783 1.70 -12.55 -26.76
CA LYS A 783 0.86 -13.52 -27.42
C LYS A 783 -0.55 -13.00 -27.65
N LEU A 784 -1.11 -12.26 -26.69
CA LEU A 784 -2.46 -11.71 -26.85
C LEU A 784 -2.54 -10.64 -27.95
N ALA A 785 -1.44 -9.88 -28.11
CA ALA A 785 -1.30 -8.84 -29.14
C ALA A 785 -1.21 -9.48 -30.52
N GLN A 786 -0.43 -10.58 -30.65
CA GLN A 786 -0.28 -11.29 -31.90
C GLN A 786 -1.59 -11.93 -32.29
N LEU A 787 -2.30 -12.58 -31.34
CA LEU A 787 -3.56 -13.23 -31.66
C LEU A 787 -4.63 -12.26 -32.14
N ILE A 788 -4.61 -11.00 -31.66
CA ILE A 788 -5.59 -10.01 -32.11
C ILE A 788 -5.32 -9.65 -33.57
N THR A 789 -4.03 -9.41 -33.91
CA THR A 789 -3.69 -9.11 -35.31
C THR A 789 -3.93 -10.30 -36.21
N ARG A 790 -3.68 -11.52 -35.72
CA ARG A 790 -3.93 -12.72 -36.49
C ARG A 790 -5.43 -12.96 -36.67
N THR A 791 -6.25 -12.61 -35.68
CA THR A 791 -7.70 -12.73 -35.80
C THR A 791 -8.19 -11.71 -36.84
N GLN A 792 -7.60 -10.50 -36.83
CA GLN A 792 -7.89 -9.44 -37.78
C GLN A 792 -7.48 -9.84 -39.18
N ALA A 793 -6.34 -10.51 -39.33
CA ALA A 793 -5.86 -10.99 -40.60
C ALA A 793 -6.83 -12.02 -41.17
N MET A 794 -7.43 -12.87 -40.29
CA MET A 794 -8.44 -13.88 -40.66
C MET A 794 -9.69 -13.17 -41.13
N CYS A 795 -10.11 -12.13 -40.43
CA CYS A 795 -11.27 -11.32 -40.75
C CYS A 795 -11.07 -10.65 -42.11
N ARG A 796 -9.87 -10.07 -42.34
CA ARG A 796 -9.52 -9.43 -43.61
C ARG A 796 -9.56 -10.46 -44.74
N GLY A 797 -9.03 -11.66 -44.47
CA GLY A 797 -9.03 -12.75 -45.42
C GLY A 797 -10.46 -13.18 -45.75
N PHE A 798 -11.30 -13.31 -44.72
CA PHE A 798 -12.69 -13.73 -44.86
C PHE A 798 -13.44 -12.76 -45.77
N LEU A 799 -13.35 -11.45 -45.49
CA LEU A 799 -14.03 -10.40 -46.24
C LEU A 799 -13.53 -10.32 -47.69
N ALA A 800 -12.22 -10.52 -47.91
CA ALA A 800 -11.63 -10.51 -49.25
C ALA A 800 -12.10 -11.70 -50.07
N ARG A 801 -12.28 -12.86 -49.41
CA ARG A 801 -12.76 -14.07 -50.07
C ARG A 801 -14.29 -14.03 -50.34
N VAL A 802 -15.10 -13.36 -49.48
CA VAL A 802 -16.53 -13.22 -49.78
C VAL A 802 -16.71 -12.23 -50.96
N GLU A 803 -15.87 -11.20 -51.04
CA GLU A 803 -15.89 -10.23 -52.11
C GLU A 803 -15.43 -10.90 -53.40
N TYR A 804 -14.40 -11.76 -53.33
CA TYR A 804 -13.87 -12.51 -54.47
C TYR A 804 -14.96 -13.47 -55.00
N LYS A 805 -15.73 -14.09 -54.09
CA LYS A 805 -16.81 -14.99 -54.46
C LYS A 805 -17.86 -14.25 -55.30
N LYS A 806 -18.17 -12.99 -54.94
CA LYS A 806 -19.13 -12.17 -55.68
C LYS A 806 -18.60 -11.81 -57.06
N MET A 807 -17.30 -11.54 -57.17
CA MET A 807 -16.68 -11.24 -58.46
C MET A 807 -16.77 -12.40 -59.43
N VAL A 808 -16.63 -13.63 -58.90
CA VAL A 808 -16.69 -14.84 -59.70
C VAL A 808 -18.11 -15.00 -60.30
N GLU A 809 -19.16 -14.66 -59.54
CA GLU A 809 -20.53 -14.73 -60.04
C GLU A 809 -20.92 -13.43 -60.76
N ASP B 37 16.08 -11.28 -53.37
CA ASP B 37 14.89 -11.28 -52.51
C ASP B 37 13.73 -11.88 -53.29
N LEU B 38 13.00 -11.17 -54.21
CA LEU B 38 11.93 -11.88 -54.96
C LEU B 38 12.53 -12.86 -55.97
N SER B 39 13.66 -12.51 -56.53
CA SER B 39 14.40 -13.35 -57.46
C SER B 39 14.84 -14.66 -56.80
N ALA B 40 15.10 -14.61 -55.48
CA ALA B 40 15.53 -15.76 -54.70
C ALA B 40 14.39 -16.69 -54.31
N ILE B 41 13.11 -16.28 -54.47
CA ILE B 41 11.98 -17.15 -54.16
C ILE B 41 11.89 -18.26 -55.22
N LYS B 42 11.85 -19.53 -54.80
CA LYS B 42 11.64 -20.63 -55.72
C LYS B 42 10.11 -20.90 -55.76
N ILE B 43 9.55 -21.00 -56.97
CA ILE B 43 8.11 -21.20 -57.12
C ILE B 43 7.76 -22.69 -56.99
N GLU B 44 6.85 -22.98 -56.07
CA GLU B 44 6.38 -24.31 -55.72
C GLU B 44 4.99 -24.64 -56.26
N PHE B 45 4.21 -23.63 -56.65
CA PHE B 45 2.86 -23.84 -57.12
C PHE B 45 2.86 -24.64 -58.42
N SER B 46 1.92 -25.58 -58.55
CA SER B 46 1.82 -26.39 -59.76
C SER B 46 1.44 -25.50 -60.96
N LYS B 47 1.64 -26.02 -62.20
CA LYS B 47 1.30 -25.32 -63.44
C LYS B 47 -0.18 -24.94 -63.44
N GLU B 48 -1.05 -25.88 -63.02
CA GLU B 48 -2.52 -25.72 -62.92
C GLU B 48 -2.85 -24.62 -61.94
N GLN B 49 -2.18 -24.61 -60.78
CA GLN B 49 -2.41 -23.60 -59.76
C GLN B 49 -2.02 -22.23 -60.29
N GLN B 50 -0.87 -22.14 -60.96
CA GLN B 50 -0.40 -20.87 -61.49
C GLN B 50 -1.36 -20.25 -62.49
N ASP B 51 -1.91 -21.07 -63.38
CA ASP B 51 -2.88 -20.60 -64.36
C ASP B 51 -4.16 -20.11 -63.67
N GLU B 52 -4.63 -20.82 -62.63
CA GLU B 52 -5.82 -20.39 -61.89
C GLU B 52 -5.57 -19.09 -61.14
N PHE B 53 -4.36 -18.92 -60.57
CA PHE B 53 -4.02 -17.70 -59.85
C PHE B 53 -3.95 -16.52 -60.81
N LYS B 54 -3.48 -16.73 -62.05
CA LYS B 54 -3.40 -15.70 -63.07
C LYS B 54 -4.84 -15.24 -63.46
N GLU B 55 -5.77 -16.20 -63.62
CA GLU B 55 -7.17 -15.90 -63.96
C GLU B 55 -7.85 -15.07 -62.87
N ALA B 56 -7.54 -15.39 -61.60
CA ALA B 56 -8.09 -14.72 -60.43
C ALA B 56 -7.49 -13.34 -60.31
N PHE B 57 -6.14 -13.24 -60.50
CA PHE B 57 -5.41 -11.98 -60.45
C PHE B 57 -5.96 -11.01 -61.45
N LEU B 58 -6.25 -11.48 -62.67
CA LEU B 58 -6.76 -10.62 -63.74
C LEU B 58 -8.17 -10.12 -63.49
N LEU B 59 -8.98 -10.77 -62.62
CA LEU B 59 -10.30 -10.22 -62.27
C LEU B 59 -10.14 -8.86 -61.56
N TYR B 60 -9.00 -8.61 -60.91
CA TYR B 60 -8.73 -7.37 -60.19
C TYR B 60 -8.19 -6.25 -61.08
N ASP B 61 -7.82 -6.56 -62.33
CA ASP B 61 -7.33 -5.55 -63.25
C ASP B 61 -8.49 -4.61 -63.62
N ARG B 62 -8.36 -3.34 -63.23
CA ARG B 62 -9.40 -2.34 -63.44
C ARG B 62 -9.15 -1.41 -64.65
N THR B 63 -8.04 -1.60 -65.38
CA THR B 63 -7.69 -0.72 -66.50
C THR B 63 -7.33 -1.40 -67.81
N GLY B 64 -7.29 -2.72 -67.83
CA GLY B 64 -6.95 -3.46 -69.05
C GLY B 64 -5.48 -3.54 -69.38
N ASP B 65 -4.59 -3.10 -68.47
CA ASP B 65 -3.15 -3.22 -68.69
C ASP B 65 -2.56 -4.51 -68.12
N SER B 66 -3.41 -5.48 -67.73
CA SER B 66 -3.04 -6.74 -67.11
C SER B 66 -2.27 -6.53 -65.79
N LYS B 67 -2.47 -5.39 -65.14
CA LYS B 67 -1.79 -5.05 -63.90
C LYS B 67 -2.79 -4.63 -62.84
N ILE B 68 -2.38 -4.77 -61.57
CA ILE B 68 -3.17 -4.31 -60.43
C ILE B 68 -2.35 -3.25 -59.67
N THR B 69 -2.99 -2.33 -58.96
CA THR B 69 -2.23 -1.38 -58.12
C THR B 69 -1.77 -2.14 -56.88
N LEU B 70 -0.68 -1.70 -56.27
CA LEU B 70 -0.18 -2.36 -55.05
C LEU B 70 -1.23 -2.45 -53.93
N SER B 71 -2.17 -1.49 -53.88
CA SER B 71 -3.25 -1.47 -52.92
C SER B 71 -4.21 -2.66 -53.06
N GLN B 72 -4.28 -3.26 -54.25
CA GLN B 72 -5.10 -4.44 -54.46
C GLN B 72 -4.38 -5.76 -54.14
N VAL B 73 -3.04 -5.74 -54.00
CA VAL B 73 -2.23 -6.95 -53.73
C VAL B 73 -2.74 -7.75 -52.54
N GLY B 74 -3.08 -7.06 -51.45
CA GLY B 74 -3.60 -7.71 -50.26
C GLY B 74 -4.86 -8.49 -50.51
N ASP B 75 -5.81 -7.86 -51.20
CA ASP B 75 -7.06 -8.50 -51.57
C ASP B 75 -6.84 -9.74 -52.44
N VAL B 76 -5.89 -9.71 -53.41
CA VAL B 76 -5.60 -10.86 -54.28
C VAL B 76 -4.89 -11.97 -53.49
N LEU B 77 -3.92 -11.64 -52.62
CA LEU B 77 -3.24 -12.66 -51.80
C LEU B 77 -4.29 -13.40 -50.95
N ARG B 78 -5.22 -12.63 -50.33
CA ARG B 78 -6.31 -13.15 -49.52
C ARG B 78 -7.33 -13.97 -50.34
N ALA B 79 -7.73 -13.46 -51.53
CA ALA B 79 -8.64 -14.17 -52.44
C ALA B 79 -8.12 -15.57 -52.76
N LEU B 80 -6.78 -15.69 -52.85
CA LEU B 80 -6.17 -16.95 -53.20
C LEU B 80 -5.98 -17.91 -52.02
N GLY B 81 -6.36 -17.50 -50.81
CA GLY B 81 -6.28 -18.41 -49.66
C GLY B 81 -5.31 -18.10 -48.56
N THR B 82 -4.52 -17.02 -48.68
CA THR B 82 -3.59 -16.63 -47.62
C THR B 82 -4.27 -15.64 -46.65
N ASN B 83 -3.71 -15.50 -45.44
CA ASN B 83 -4.25 -14.55 -44.44
C ASN B 83 -3.12 -13.65 -43.89
N PRO B 84 -2.48 -12.84 -44.77
CA PRO B 84 -1.39 -12.00 -44.30
C PRO B 84 -1.91 -10.78 -43.58
N THR B 85 -1.09 -10.25 -42.68
CA THR B 85 -1.43 -9.01 -42.01
C THR B 85 -1.06 -7.89 -43.00
N ASN B 86 -1.54 -6.67 -42.77
CA ASN B 86 -1.17 -5.52 -43.60
C ASN B 86 0.35 -5.27 -43.54
N ALA B 87 1.00 -5.65 -42.45
CA ALA B 87 2.42 -5.54 -42.25
C ALA B 87 3.15 -6.55 -43.14
N GLU B 88 2.64 -7.79 -43.21
CA GLU B 88 3.25 -8.81 -44.06
C GLU B 88 3.10 -8.44 -45.50
N VAL B 89 1.94 -7.86 -45.90
CA VAL B 89 1.72 -7.44 -47.29
C VAL B 89 2.68 -6.31 -47.67
N LYS B 90 2.83 -5.34 -46.76
CA LYS B 90 3.75 -4.24 -46.98
C LYS B 90 5.17 -4.73 -47.10
N LYS B 91 5.57 -5.71 -46.26
CA LYS B 91 6.91 -6.31 -46.26
C LYS B 91 7.26 -7.00 -47.58
N VAL B 92 6.34 -7.80 -48.17
CA VAL B 92 6.62 -8.45 -49.46
C VAL B 92 6.77 -7.39 -50.55
N LEU B 93 5.96 -6.33 -50.51
CA LEU B 93 6.06 -5.29 -51.52
C LEU B 93 7.33 -4.42 -51.39
N GLY B 94 8.18 -4.69 -50.39
CA GLY B 94 9.40 -3.92 -50.17
C GLY B 94 9.12 -2.63 -49.41
N ASN B 95 8.19 -2.70 -48.43
CA ASN B 95 7.73 -1.61 -47.56
C ASN B 95 7.53 -0.28 -48.27
N PRO B 96 6.53 -0.22 -49.17
CA PRO B 96 6.33 1.02 -49.92
C PRO B 96 5.54 2.03 -49.12
N SER B 97 5.75 3.31 -49.42
CA SER B 97 5.03 4.39 -48.75
C SER B 97 3.53 4.30 -49.05
N ASN B 98 2.69 5.01 -48.29
CA ASN B 98 1.25 4.99 -48.53
C ASN B 98 0.86 5.56 -49.92
N GLU B 99 1.70 6.43 -50.48
CA GLU B 99 1.47 6.97 -51.82
C GLU B 99 1.80 5.94 -52.87
N GLU B 100 2.94 5.25 -52.72
CA GLU B 100 3.34 4.22 -53.67
C GLU B 100 2.34 3.08 -53.79
N MET B 101 1.51 2.85 -52.77
CA MET B 101 0.51 1.78 -52.78
C MET B 101 -0.60 2.09 -53.78
N ASN B 102 -1.05 3.35 -53.81
CA ASN B 102 -2.13 3.77 -54.69
C ASN B 102 -1.70 4.05 -56.12
N ALA B 103 -0.42 4.40 -56.33
CA ALA B 103 0.09 4.79 -57.64
C ALA B 103 0.87 3.70 -58.42
N LYS B 104 1.68 2.91 -57.71
CA LYS B 104 2.47 1.90 -58.39
C LYS B 104 1.64 0.64 -58.71
N LYS B 105 1.93 0.05 -59.86
CA LYS B 105 1.25 -1.14 -60.36
C LYS B 105 2.18 -2.38 -60.34
N ILE B 106 1.60 -3.59 -60.52
CA ILE B 106 2.35 -4.83 -60.50
C ILE B 106 1.78 -5.83 -61.51
N GLU B 107 2.66 -6.58 -62.21
CA GLU B 107 2.32 -7.65 -63.17
C GLU B 107 2.21 -9.03 -62.45
N PHE B 108 1.47 -10.00 -63.02
CA PHE B 108 1.33 -11.31 -62.37
C PHE B 108 2.65 -12.00 -62.11
N GLU B 109 3.61 -11.82 -63.01
CA GLU B 109 4.93 -12.43 -62.93
C GLU B 109 5.72 -11.99 -61.71
N GLN B 110 5.48 -10.75 -61.25
CA GLN B 110 6.13 -10.18 -60.08
C GLN B 110 5.32 -10.50 -58.82
N PHE B 111 3.96 -10.56 -58.93
CA PHE B 111 3.07 -10.91 -57.83
C PHE B 111 3.26 -12.38 -57.45
N LEU B 112 3.46 -13.27 -58.42
CA LEU B 112 3.57 -14.69 -58.15
C LEU B 112 4.58 -15.05 -57.05
N PRO B 113 5.87 -14.62 -57.12
CA PRO B 113 6.81 -14.96 -56.03
C PRO B 113 6.38 -14.32 -54.70
N MET B 114 5.69 -13.18 -54.72
CA MET B 114 5.19 -12.56 -53.50
C MET B 114 4.16 -13.50 -52.85
N LEU B 115 3.24 -14.06 -53.65
CA LEU B 115 2.25 -15.01 -53.16
C LEU B 115 2.93 -16.24 -52.57
N GLN B 116 4.02 -16.69 -53.21
CA GLN B 116 4.79 -17.82 -52.74
C GLN B 116 5.44 -17.51 -51.40
N ALA B 117 6.02 -16.33 -51.25
CA ALA B 117 6.65 -15.94 -50.00
C ALA B 117 5.63 -15.86 -48.88
N ILE B 118 4.46 -15.29 -49.14
CA ILE B 118 3.37 -15.21 -48.14
C ILE B 118 2.89 -16.63 -47.77
N SER B 119 2.75 -17.49 -48.79
CA SER B 119 2.32 -18.86 -48.56
C SER B 119 3.35 -19.64 -47.73
N ASN B 120 4.64 -19.40 -47.98
CA ASN B 120 5.74 -20.03 -47.24
C ASN B 120 5.80 -19.53 -45.81
N ASN B 121 5.45 -18.26 -45.60
CA ASN B 121 5.44 -17.63 -44.29
C ASN B 121 4.23 -18.05 -43.48
N LYS B 122 3.74 -19.29 -43.71
CA LYS B 122 2.66 -20.03 -43.04
C LYS B 122 2.03 -19.31 -41.85
N ASP B 123 0.99 -18.47 -42.13
CA ASP B 123 0.24 -17.62 -41.19
C ASP B 123 -0.25 -18.43 -40.00
N GLN B 124 0.65 -18.66 -39.05
CA GLN B 124 0.36 -19.49 -37.92
C GLN B 124 -0.61 -18.80 -36.99
N GLY B 125 -1.76 -19.43 -36.87
CA GLY B 125 -2.90 -19.08 -36.04
C GLY B 125 -3.80 -20.30 -36.13
N THR B 126 -3.97 -21.03 -35.03
CA THR B 126 -4.82 -22.23 -35.00
C THR B 126 -6.21 -21.83 -34.46
N TYR B 127 -7.25 -22.62 -34.75
CA TYR B 127 -8.60 -22.35 -34.26
C TYR B 127 -8.67 -22.08 -32.74
N GLU B 128 -8.00 -22.94 -31.95
CA GLU B 128 -7.98 -22.85 -30.50
C GLU B 128 -7.23 -21.62 -30.00
N ASP B 129 -6.21 -21.19 -30.75
CA ASP B 129 -5.43 -20.00 -30.43
C ASP B 129 -6.36 -18.78 -30.52
N PHE B 130 -7.22 -18.72 -31.55
CA PHE B 130 -8.14 -17.60 -31.72
C PHE B 130 -9.21 -17.55 -30.66
N VAL B 131 -9.77 -18.71 -30.26
CA VAL B 131 -10.81 -18.72 -29.20
C VAL B 131 -10.20 -18.38 -27.84
N GLU B 132 -8.93 -18.75 -27.59
CA GLU B 132 -8.27 -18.38 -26.34
C GLU B 132 -8.02 -16.88 -26.29
N GLY B 133 -7.71 -16.27 -27.44
CA GLY B 133 -7.48 -14.84 -27.56
C GLY B 133 -8.73 -14.07 -27.25
N LEU B 134 -9.87 -14.55 -27.75
CA LEU B 134 -11.16 -13.92 -27.52
C LEU B 134 -11.77 -14.27 -26.18
N ARG B 135 -11.42 -15.43 -25.62
CA ARG B 135 -11.87 -15.87 -24.30
C ARG B 135 -11.51 -14.86 -23.20
N VAL B 136 -10.42 -14.09 -23.40
CA VAL B 136 -9.91 -13.05 -22.50
C VAL B 136 -10.98 -12.00 -22.20
N PHE B 137 -11.82 -11.68 -23.17
CA PHE B 137 -12.89 -10.70 -23.02
C PHE B 137 -14.19 -11.26 -22.48
N ASP B 138 -14.18 -12.49 -21.93
CA ASP B 138 -15.41 -13.11 -21.44
C ASP B 138 -16.24 -12.24 -20.49
N LYS B 139 -15.61 -11.70 -19.43
CA LYS B 139 -16.20 -10.86 -18.38
C LYS B 139 -17.08 -11.75 -17.47
N GLU B 140 -18.02 -12.45 -18.10
CA GLU B 140 -18.93 -13.40 -17.51
C GLU B 140 -18.26 -14.82 -17.61
N GLY B 141 -19.00 -15.87 -17.26
CA GLY B 141 -18.51 -17.23 -17.34
C GLY B 141 -18.70 -17.87 -18.70
N ASN B 142 -19.96 -18.00 -19.15
CA ASN B 142 -20.36 -18.59 -20.43
C ASN B 142 -19.47 -18.19 -21.60
N GLY B 143 -19.46 -19.00 -22.65
CA GLY B 143 -18.64 -18.71 -23.81
C GLY B 143 -19.20 -17.66 -24.73
N THR B 144 -19.43 -16.44 -24.22
CA THR B 144 -19.99 -15.34 -24.99
C THR B 144 -19.45 -13.95 -24.59
N VAL B 145 -18.83 -13.23 -25.54
CA VAL B 145 -18.39 -11.85 -25.32
C VAL B 145 -19.47 -10.90 -25.82
N MET B 146 -19.49 -9.68 -25.29
CA MET B 146 -20.49 -8.69 -25.66
C MET B 146 -20.24 -8.08 -27.03
N GLY B 147 -21.32 -7.68 -27.68
CA GLY B 147 -21.31 -7.09 -29.01
C GLY B 147 -20.30 -5.97 -29.23
N ALA B 148 -20.50 -4.83 -28.56
CA ALA B 148 -19.63 -3.69 -28.71
C ALA B 148 -18.21 -3.91 -28.16
N GLU B 149 -18.01 -4.93 -27.32
CA GLU B 149 -16.67 -5.24 -26.81
C GLU B 149 -15.82 -5.80 -27.97
N LEU B 150 -16.39 -6.76 -28.73
CA LEU B 150 -15.68 -7.35 -29.85
C LEU B 150 -15.45 -6.32 -30.96
N ARG B 151 -16.41 -5.41 -31.17
CA ARG B 151 -16.28 -4.37 -32.18
C ARG B 151 -15.14 -3.44 -31.80
N HIS B 152 -15.05 -3.05 -30.54
CA HIS B 152 -13.99 -2.18 -30.07
C HIS B 152 -12.62 -2.80 -30.26
N VAL B 153 -12.50 -4.10 -29.97
CA VAL B 153 -11.23 -4.81 -30.12
C VAL B 153 -10.75 -4.83 -31.56
N LEU B 154 -11.64 -5.22 -32.48
CA LEU B 154 -11.29 -5.31 -33.89
C LEU B 154 -11.02 -3.95 -34.54
N ALA B 155 -11.69 -2.89 -34.07
CA ALA B 155 -11.52 -1.57 -34.66
C ALA B 155 -10.52 -0.68 -33.97
N THR B 156 -10.05 -1.02 -32.76
CA THR B 156 -9.08 -0.15 -32.05
C THR B 156 -7.77 -0.82 -31.66
N LEU B 157 -7.76 -2.14 -31.50
CA LEU B 157 -6.53 -2.86 -31.14
C LEU B 157 -5.86 -3.44 -32.37
N GLY B 158 -4.59 -3.85 -32.23
CA GLY B 158 -3.79 -4.46 -33.29
C GLY B 158 -3.78 -3.64 -34.57
N GLU B 159 -3.96 -4.30 -35.70
CA GLU B 159 -4.05 -3.62 -36.98
C GLU B 159 -5.48 -3.18 -37.16
N LYS B 160 -5.82 -1.99 -36.64
CA LYS B 160 -7.16 -1.39 -36.64
C LYS B 160 -7.94 -1.63 -37.92
N MET B 161 -9.13 -2.24 -37.82
CA MET B 161 -9.98 -2.52 -38.98
C MET B 161 -10.99 -1.42 -39.17
N LYS B 162 -11.40 -1.14 -40.41
CA LYS B 162 -12.40 -0.10 -40.67
C LYS B 162 -13.73 -0.43 -39.98
N GLU B 163 -14.51 0.61 -39.65
CA GLU B 163 -15.80 0.43 -38.99
C GLU B 163 -16.74 -0.40 -39.85
N GLU B 164 -16.78 -0.10 -41.16
CA GLU B 164 -17.62 -0.82 -42.13
C GLU B 164 -17.20 -2.28 -42.30
N GLU B 165 -15.90 -2.57 -42.18
CA GLU B 165 -15.39 -3.93 -42.29
C GLU B 165 -15.86 -4.73 -41.09
N VAL B 166 -15.79 -4.15 -39.89
CA VAL B 166 -16.23 -4.81 -38.66
C VAL B 166 -17.73 -5.08 -38.71
N GLU B 167 -18.51 -4.14 -39.25
CA GLU B 167 -19.95 -4.32 -39.40
C GLU B 167 -20.28 -5.49 -40.35
N ALA B 168 -19.47 -5.67 -41.39
CA ALA B 168 -19.66 -6.76 -42.35
C ALA B 168 -19.40 -8.11 -41.69
N LEU B 169 -18.41 -8.18 -40.76
CA LEU B 169 -18.10 -9.42 -40.03
C LEU B 169 -19.26 -9.81 -39.12
N MET B 170 -19.94 -8.82 -38.53
CA MET B 170 -21.11 -9.02 -37.67
C MET B 170 -22.39 -9.30 -38.51
N ALA B 171 -22.25 -10.19 -39.51
CA ALA B 171 -23.32 -10.60 -40.43
C ALA B 171 -24.27 -11.56 -39.71
N GLY B 172 -25.11 -11.00 -38.85
CA GLY B 172 -26.03 -11.80 -38.05
C GLY B 172 -25.23 -12.60 -37.04
N GLN B 173 -24.49 -11.89 -36.20
CA GLN B 173 -23.66 -12.52 -35.21
C GLN B 173 -24.20 -12.24 -33.82
N GLU B 174 -24.57 -10.98 -33.58
CA GLU B 174 -25.11 -10.60 -32.27
C GLU B 174 -26.45 -11.26 -32.05
N ASP B 175 -26.56 -11.98 -30.95
CA ASP B 175 -27.82 -12.60 -30.54
C ASP B 175 -28.70 -11.48 -29.90
N SER B 176 -29.89 -11.84 -29.38
CA SER B 176 -30.73 -10.88 -28.65
C SER B 176 -29.94 -10.42 -27.38
N ASN B 177 -30.21 -9.19 -26.90
CA ASN B 177 -29.48 -8.57 -25.78
C ASN B 177 -28.14 -7.95 -26.23
N GLY B 178 -27.57 -8.45 -27.33
CA GLY B 178 -26.34 -7.91 -27.92
C GLY B 178 -25.06 -8.62 -27.54
N CYS B 179 -25.01 -9.94 -27.69
CA CYS B 179 -23.85 -10.74 -27.33
C CYS B 179 -23.45 -11.65 -28.49
N ILE B 180 -22.17 -12.05 -28.57
CA ILE B 180 -21.70 -12.94 -29.64
C ILE B 180 -21.00 -14.18 -29.07
N ASN B 181 -21.32 -15.37 -29.59
CA ASN B 181 -20.66 -16.61 -29.19
C ASN B 181 -19.35 -16.55 -29.93
N TYR B 182 -18.26 -16.19 -29.23
CA TYR B 182 -16.94 -16.02 -29.83
C TYR B 182 -16.40 -17.27 -30.50
N GLU B 183 -16.78 -18.45 -29.98
CA GLU B 183 -16.37 -19.74 -30.54
C GLU B 183 -16.98 -19.91 -31.94
N ALA B 184 -18.26 -19.50 -32.08
CA ALA B 184 -19.01 -19.52 -33.33
C ALA B 184 -18.49 -18.45 -34.28
N PHE B 185 -18.09 -17.29 -33.75
CA PHE B 185 -17.54 -16.20 -34.54
C PHE B 185 -16.24 -16.62 -35.22
N VAL B 186 -15.34 -17.32 -34.49
CA VAL B 186 -14.08 -17.82 -35.05
C VAL B 186 -14.33 -18.82 -36.17
N LYS B 187 -15.33 -19.70 -36.01
CA LYS B 187 -15.68 -20.65 -37.07
C LYS B 187 -16.18 -19.92 -38.30
N HIS B 188 -16.95 -18.85 -38.10
CA HIS B 188 -17.52 -18.05 -39.17
C HIS B 188 -16.46 -17.37 -40.01
N ILE B 189 -15.47 -16.70 -39.38
CA ILE B 189 -14.39 -16.04 -40.12
C ILE B 189 -13.46 -17.07 -40.77
N MET B 190 -13.29 -18.26 -40.15
CA MET B 190 -12.46 -19.33 -40.71
C MET B 190 -13.17 -20.20 -41.78
N SER B 191 -14.43 -19.86 -42.12
CA SER B 191 -15.23 -20.58 -43.10
C SER B 191 -15.04 -20.00 -44.50
#